data_2Y53
#
_entry.id   2Y53
#
_cell.length_a   58.240
_cell.length_b   67.810
_cell.length_c   77.510
_cell.angle_alpha   111.22
_cell.angle_beta   90.45
_cell.angle_gamma   113.51
#
_symmetry.space_group_name_H-M   'P 1'
#
loop_
_entity.id
_entity.type
_entity.pdbx_description
1 polymer 'ALDEHYDE DEHYDROGENASE (BOX PATHWAY)'
2 non-polymer GLYCEROL
3 non-polymer 'NADP NICOTINAMIDE-ADENINE-DINUCLEOTIDE PHOSPHATE'
4 water water
#
_entity_poly.entity_id   1
_entity_poly.type   'polypeptide(L)'
_entity_poly.pdbx_seq_one_letter_code
;GSHMTELLKNHVAGQWIAGTGAGITLTDPVTGVALVRVSSEGLDLARAFSFAREDGGAALRALTYAQRAARLADIVKLLQ
AKRGDYYAIATANSGTTRNDSAVDIDGGIFTLSYYAKLGASLGEVHALRDGSAESLSKDRSFSAQHVLSPTRGVALFINA
FNFPSWGLWEKAAPALLSGVPVIVKPATATAWLTQRMVADVVDAGILPPGALSIICGSSAGLLDQIRSFDVVSFTGSADT
AATLRAHPAFVQRGARLNVQADSLNSAILCADATPDTPAFDLFIKEVVREMTVKSGQKCTAIRRAFVPEAALEPVLEALK
AKLAKITVGNPRNDAVRMGSLVSREQYENVLAGIAALREEAVLAYDSSAVPLIDADANIAACVAPHLFVVNDPDNATLLH
DVEVFGPVASVAPYRVTTDTNALPEAHAVALARRGQGSLVASIYSNDDAHLGRLALELADSHGRVHAISPSVQHSQTGHG
NVMPMSLHGGPGRAGGGEELGGLRALAFYHRRSAIQAASAAIGTLTQATHWPAA
;
_entity_poly.pdbx_strand_id   A,B
#
loop_
_chem_comp.id
_chem_comp.type
_chem_comp.name
_chem_comp.formula
GOL non-polymer GLYCEROL 'C3 H8 O3'
NAP non-polymer 'NADP NICOTINAMIDE-ADENINE-DINUCLEOTIDE PHOSPHATE' 'C21 H28 N7 O17 P3'
#
# COMPACT_ATOMS: atom_id res chain seq x y z
N HIS A 3 12.65 35.20 31.45
CA HIS A 3 12.53 33.82 32.03
C HIS A 3 11.21 33.28 32.60
N MET A 4 10.63 32.23 32.01
CA MET A 4 11.09 31.68 30.74
C MET A 4 9.92 31.81 29.74
N THR A 5 10.11 31.52 28.46
CA THR A 5 9.02 31.50 27.51
C THR A 5 8.03 30.34 27.85
N GLU A 6 6.84 30.42 27.28
CA GLU A 6 5.82 29.43 27.57
C GLU A 6 6.21 27.99 27.16
N LEU A 7 6.08 27.04 28.07
CA LEU A 7 6.29 25.64 27.72
C LEU A 7 4.93 25.11 27.24
N LEU A 8 4.90 24.75 25.96
CA LEU A 8 3.61 24.29 25.37
C LEU A 8 3.28 22.90 25.88
N LYS A 9 2.04 22.67 26.33
CA LYS A 9 1.68 21.33 26.85
C LYS A 9 1.30 20.37 25.71
N ASN A 10 1.48 19.08 26.02
CA ASN A 10 0.99 18.03 25.18
C ASN A 10 -0.41 17.66 25.48
N HIS A 11 -1.19 17.12 24.54
CA HIS A 11 -2.53 16.61 24.87
C HIS A 11 -2.55 15.17 24.66
N VAL A 12 -2.56 14.40 25.74
CA VAL A 12 -2.45 12.91 25.69
C VAL A 12 -3.36 12.33 26.71
N ALA A 13 -3.99 11.24 26.35
CA ALA A 13 -4.96 10.54 27.19
C ALA A 13 -6.01 11.52 27.70
N GLY A 14 -6.47 12.47 26.87
CA GLY A 14 -7.56 13.32 27.25
C GLY A 14 -7.18 14.43 28.21
N GLN A 15 -5.89 14.70 28.39
CA GLN A 15 -5.43 15.72 29.32
C GLN A 15 -4.30 16.53 28.76
N TRP A 16 -4.12 17.76 29.25
CA TRP A 16 -2.97 18.60 28.88
C TRP A 16 -1.89 18.29 29.89
N ILE A 17 -0.74 17.87 29.45
CA ILE A 17 0.40 17.44 30.31
C ILE A 17 1.63 18.09 29.83
N ALA A 18 2.35 18.82 30.69
CA ALA A 18 3.67 19.26 30.35
C ALA A 18 4.74 18.19 30.35
N GLY A 19 5.65 18.25 29.40
CA GLY A 19 6.87 17.47 29.52
C GLY A 19 7.73 18.06 30.62
N THR A 20 8.66 17.29 31.09
CA THR A 20 9.53 17.76 32.17
C THR A 20 10.79 18.36 31.56
N GLY A 21 11.63 18.93 32.45
CA GLY A 21 12.92 19.52 31.99
C GLY A 21 12.77 20.95 31.45
N ALA A 22 13.83 21.45 30.84
CA ALA A 22 13.83 22.84 30.40
C ALA A 22 13.23 22.94 29.01
N GLY A 23 13.12 21.83 28.33
CA GLY A 23 12.49 21.81 27.00
C GLY A 23 13.40 22.40 25.92
N ILE A 24 12.87 22.42 24.68
CA ILE A 24 13.58 22.86 23.51
C ILE A 24 12.95 24.18 23.14
N THR A 25 13.73 25.22 22.95
CA THR A 25 13.24 26.59 22.58
C THR A 25 13.01 26.66 21.07
N LEU A 26 11.85 27.26 20.73
CA LEU A 26 11.57 27.59 19.30
C LEU A 26 11.87 29.08 19.16
N THR A 27 12.49 29.54 18.09
CA THR A 27 12.89 30.93 17.93
C THR A 27 12.41 31.54 16.60
N ASP A 28 12.31 32.84 16.57
CA ASP A 28 11.94 33.54 15.35
C ASP A 28 13.15 33.55 14.44
N PRO A 29 12.97 32.99 13.22
CA PRO A 29 14.13 32.88 12.31
C PRO A 29 14.51 34.15 11.68
N VAL A 30 13.87 35.30 11.90
CA VAL A 30 14.32 36.64 11.44
C VAL A 30 14.94 37.39 12.54
N THR A 31 14.29 37.41 13.70
CA THR A 31 14.74 38.30 14.78
C THR A 31 15.53 37.56 15.81
N GLY A 32 15.53 36.25 15.85
CA GLY A 32 16.22 35.55 16.93
C GLY A 32 15.51 35.47 18.28
N VAL A 33 14.32 36.06 18.36
CA VAL A 33 13.61 36.02 19.66
C VAL A 33 13.19 34.62 20.05
N ALA A 34 13.30 34.36 21.33
CA ALA A 34 12.80 33.11 21.88
C ALA A 34 11.29 33.20 21.95
N LEU A 35 10.57 32.18 21.44
CA LEU A 35 9.11 32.27 21.30
C LEU A 35 8.40 31.44 22.33
N VAL A 36 8.65 30.13 22.35
CA VAL A 36 7.99 29.13 23.20
C VAL A 36 8.91 27.96 23.32
N ARG A 37 8.61 27.03 24.20
CA ARG A 37 9.36 25.78 24.33
C ARG A 37 8.47 24.61 24.22
N VAL A 38 9.08 23.45 23.90
CA VAL A 38 8.31 22.17 23.86
C VAL A 38 9.12 21.12 24.65
N SER A 39 8.37 20.11 25.10
CA SER A 39 9.06 18.93 25.73
C SER A 39 8.10 17.79 25.80
N SER A 40 8.57 16.58 25.44
CA SER A 40 7.79 15.39 25.62
C SER A 40 8.29 14.54 26.76
N GLU A 41 9.25 15.08 27.52
CA GLU A 41 9.95 14.20 28.52
C GLU A 41 8.99 13.74 29.60
N GLY A 42 9.04 12.43 29.87
CA GLY A 42 8.21 11.91 30.95
C GLY A 42 6.81 11.55 30.67
N LEU A 43 6.37 11.75 29.42
CA LEU A 43 4.99 11.36 29.12
C LEU A 43 4.80 9.83 29.20
N ASP A 44 3.58 9.46 29.62
CA ASP A 44 3.12 8.03 29.64
C ASP A 44 2.65 7.67 28.20
N LEU A 45 3.59 7.24 27.38
CA LEU A 45 3.22 6.94 25.97
C LEU A 45 2.31 5.76 25.87
N ALA A 46 2.44 4.72 26.74
CA ALA A 46 1.49 3.64 26.70
C ALA A 46 0.08 4.09 26.81
N ARG A 47 -0.21 4.95 27.79
CA ARG A 47 -1.57 5.40 27.89
C ARG A 47 -1.96 6.42 26.85
N ALA A 48 -0.99 7.25 26.38
CA ALA A 48 -1.34 8.15 25.28
C ALA A 48 -1.88 7.36 24.08
N PHE A 49 -1.21 6.25 23.78
CA PHE A 49 -1.64 5.48 22.61
C PHE A 49 -2.86 4.65 22.93
N SER A 50 -2.97 4.08 24.15
CA SER A 50 -4.13 3.20 24.42
C SER A 50 -5.37 4.00 24.54
N PHE A 51 -5.36 5.18 25.17
CA PHE A 51 -6.53 6.00 25.25
C PHE A 51 -7.04 6.42 23.87
N ALA A 52 -6.08 6.91 23.04
CA ALA A 52 -6.45 7.24 21.67
C ALA A 52 -7.07 5.99 20.97
N ARG A 53 -6.36 4.86 21.03
CA ARG A 53 -6.79 3.69 20.23
C ARG A 53 -8.15 3.18 20.73
N GLU A 54 -8.31 3.07 22.09
CA GLU A 54 -9.54 2.50 22.64
C GLU A 54 -10.66 3.50 22.71
N ASP A 55 -10.51 4.57 23.49
CA ASP A 55 -11.60 5.54 23.66
C ASP A 55 -11.79 6.41 22.43
N GLY A 56 -10.67 6.91 21.88
CA GLY A 56 -10.82 7.78 20.71
C GLY A 56 -11.41 7.06 19.49
N GLY A 57 -10.89 5.87 19.25
CA GLY A 57 -11.34 5.03 18.12
C GLY A 57 -12.79 4.61 18.29
N ALA A 58 -13.13 4.17 19.50
CA ALA A 58 -14.54 3.73 19.68
C ALA A 58 -15.50 4.90 19.56
N ALA A 59 -15.12 6.07 20.12
CA ALA A 59 -16.01 7.21 20.02
C ALA A 59 -16.19 7.69 18.57
N LEU A 60 -15.06 7.70 17.80
CA LEU A 60 -15.21 8.12 16.40
C LEU A 60 -16.03 7.12 15.59
N ARG A 61 -15.79 5.84 15.81
CA ARG A 61 -16.52 4.81 15.09
C ARG A 61 -18.01 4.76 15.43
N ALA A 62 -18.38 5.23 16.64
CA ALA A 62 -19.81 5.33 16.99
C ALA A 62 -20.52 6.35 16.14
N LEU A 63 -19.81 7.31 15.59
CA LEU A 63 -20.40 8.32 14.74
C LEU A 63 -20.40 7.77 13.28
N THR A 64 -21.26 8.34 12.45
CA THR A 64 -21.28 8.00 11.03
C THR A 64 -20.24 8.90 10.30
N TYR A 65 -19.96 8.56 9.03
CA TYR A 65 -19.09 9.42 8.23
C TYR A 65 -19.62 10.82 8.14
N ALA A 66 -20.94 10.97 7.92
CA ALA A 66 -21.45 12.36 7.76
C ALA A 66 -21.46 13.10 9.06
N GLN A 67 -21.63 12.41 10.18
CA GLN A 67 -21.48 13.11 11.48
C GLN A 67 -20.06 13.57 11.72
N ARG A 68 -19.06 12.74 11.38
CA ARG A 68 -17.64 13.19 11.51
C ARG A 68 -17.36 14.30 10.55
N ALA A 69 -17.93 14.25 9.34
CA ALA A 69 -17.71 15.40 8.39
C ALA A 69 -18.32 16.68 8.96
N ALA A 70 -19.44 16.61 9.68
CA ALA A 70 -20.04 17.85 10.22
C ALA A 70 -19.11 18.37 11.37
N ARG A 71 -18.43 17.50 12.10
CA ARG A 71 -17.45 17.99 13.12
C ARG A 71 -16.30 18.70 12.36
N LEU A 72 -15.87 18.14 11.22
CA LEU A 72 -14.77 18.80 10.46
C LEU A 72 -15.25 20.19 10.02
N ALA A 73 -16.54 20.26 9.56
CA ALA A 73 -17.00 21.59 9.25
C ALA A 73 -17.04 22.58 10.39
N ASP A 74 -17.32 22.13 11.61
CA ASP A 74 -17.21 23.02 12.76
C ASP A 74 -15.79 23.42 13.03
N ILE A 75 -14.82 22.49 12.79
CA ILE A 75 -13.42 22.87 12.98
C ILE A 75 -13.02 23.93 11.93
N VAL A 76 -13.48 23.83 10.69
CA VAL A 76 -13.18 24.90 9.73
C VAL A 76 -13.64 26.26 10.26
N LYS A 77 -14.90 26.35 10.76
CA LYS A 77 -15.36 27.66 11.22
C LYS A 77 -14.52 28.18 12.41
N LEU A 78 -14.14 27.29 13.31
CA LEU A 78 -13.26 27.68 14.45
C LEU A 78 -11.90 28.21 13.94
N LEU A 79 -11.27 27.43 13.05
CA LEU A 79 -9.97 27.89 12.56
C LEU A 79 -10.09 29.21 11.81
N GLN A 80 -11.18 29.37 11.04
CA GLN A 80 -11.36 30.63 10.32
C GLN A 80 -11.47 31.83 11.30
N ALA A 81 -12.15 31.60 12.42
CA ALA A 81 -12.36 32.68 13.40
C ALA A 81 -11.04 33.07 14.05
N LYS A 82 -10.08 32.12 14.13
CA LYS A 82 -8.84 32.31 14.85
C LYS A 82 -7.65 32.66 13.96
N ARG A 83 -7.91 32.92 12.68
CA ARG A 83 -6.82 33.11 11.72
C ARG A 83 -5.92 34.22 12.16
N GLY A 84 -6.38 35.32 12.80
CA GLY A 84 -5.39 36.40 13.16
C GLY A 84 -4.37 35.86 14.11
N ASP A 85 -4.77 35.00 15.06
CA ASP A 85 -3.77 34.41 15.97
C ASP A 85 -2.74 33.58 15.16
N TYR A 86 -3.23 32.85 14.19
CA TYR A 86 -2.37 31.91 13.40
C TYR A 86 -1.39 32.65 12.52
N TYR A 87 -1.82 33.75 11.93
CA TYR A 87 -0.89 34.56 11.15
C TYR A 87 0.18 35.16 12.04
N ALA A 88 -0.17 35.58 13.26
CA ALA A 88 0.87 36.16 14.09
C ALA A 88 1.89 35.08 14.48
N ILE A 89 1.46 33.87 14.80
CA ILE A 89 2.38 32.79 15.08
C ILE A 89 3.22 32.45 13.81
N ALA A 90 2.68 32.45 12.62
CA ALA A 90 3.42 32.09 11.41
C ALA A 90 4.47 33.14 11.18
N THR A 91 4.15 34.44 11.31
CA THR A 91 5.16 35.48 11.05
C THR A 91 6.30 35.23 11.97
N ALA A 92 6.10 35.06 13.28
CA ALA A 92 7.20 34.98 14.22
C ALA A 92 7.94 33.67 14.12
N ASN A 93 7.23 32.52 14.03
CA ASN A 93 7.94 31.23 14.10
C ASN A 93 8.55 30.80 12.75
N SER A 94 7.85 31.16 11.65
CA SER A 94 8.29 30.70 10.30
C SER A 94 8.97 31.80 9.50
N GLY A 95 8.82 33.08 9.82
CA GLY A 95 9.49 34.10 9.07
C GLY A 95 8.92 34.32 7.65
N THR A 96 7.70 33.89 7.40
CA THR A 96 7.05 33.96 6.07
C THR A 96 6.25 35.28 5.91
N THR A 97 6.27 35.81 4.68
CA THR A 97 5.32 36.87 4.31
C THR A 97 3.89 36.44 4.54
N ARG A 98 2.99 37.41 4.65
CA ARG A 98 1.56 37.00 4.85
C ARG A 98 1.07 36.10 3.72
N ASN A 99 1.42 36.42 2.48
CA ASN A 99 0.96 35.56 1.39
C ASN A 99 1.52 34.15 1.46
N ASP A 100 2.77 34.03 1.92
CA ASP A 100 3.36 32.73 2.06
C ASP A 100 2.79 31.98 3.28
N SER A 101 2.55 32.66 4.41
CA SER A 101 1.88 32.07 5.54
C SER A 101 0.54 31.51 5.13
N ALA A 102 -0.17 32.22 4.22
CA ALA A 102 -1.46 31.71 3.78
C ALA A 102 -1.46 30.36 3.15
N VAL A 103 -0.39 30.00 2.45
CA VAL A 103 -0.26 28.70 1.82
C VAL A 103 -0.42 27.62 2.94
N ASP A 104 0.15 27.86 4.15
CA ASP A 104 0.02 26.90 5.25
C ASP A 104 -1.28 27.01 5.93
N ILE A 105 -1.62 28.22 6.38
CA ILE A 105 -2.84 28.40 7.20
C ILE A 105 -4.10 28.21 6.38
N ASP A 106 -4.26 29.02 5.36
CA ASP A 106 -5.47 28.89 4.53
C ASP A 106 -5.40 27.69 3.65
N GLY A 107 -4.24 27.20 3.25
CA GLY A 107 -4.16 25.89 2.57
C GLY A 107 -4.70 24.78 3.46
N GLY A 108 -4.30 24.78 4.74
CA GLY A 108 -4.82 23.80 5.67
C GLY A 108 -6.32 23.87 5.84
N ILE A 109 -6.86 25.10 6.02
CA ILE A 109 -8.30 25.24 6.21
C ILE A 109 -9.07 24.86 4.96
N PHE A 110 -8.58 25.21 3.80
CA PHE A 110 -9.24 24.88 2.54
C PHE A 110 -9.30 23.36 2.36
N THR A 111 -8.23 22.65 2.72
CA THR A 111 -8.13 21.21 2.53
C THR A 111 -9.06 20.57 3.54
N LEU A 112 -9.13 21.04 4.79
CA LEU A 112 -10.08 20.49 5.75
C LEU A 112 -11.53 20.67 5.28
N SER A 113 -11.84 21.88 4.78
CA SER A 113 -13.24 22.17 4.31
C SER A 113 -13.60 21.29 3.12
N TYR A 114 -12.63 21.08 2.21
CA TYR A 114 -12.86 20.12 1.10
C TYR A 114 -13.26 18.78 1.57
N TYR A 115 -12.55 18.22 2.54
CA TYR A 115 -12.95 16.93 3.12
C TYR A 115 -14.21 17.01 3.96
N ALA A 116 -14.53 18.16 4.59
CA ALA A 116 -15.78 18.21 5.36
C ALA A 116 -16.93 18.08 4.33
N LYS A 117 -16.81 18.75 3.22
CA LYS A 117 -17.89 18.73 2.18
C LYS A 117 -17.95 17.35 1.52
N LEU A 118 -16.80 16.78 1.14
CA LEU A 118 -16.78 15.49 0.52
C LEU A 118 -17.32 14.46 1.51
N GLY A 119 -16.94 14.58 2.78
CA GLY A 119 -17.31 13.64 3.76
C GLY A 119 -18.80 13.57 3.97
N ALA A 120 -19.51 14.72 3.83
CA ALA A 120 -20.97 14.67 3.96
C ALA A 120 -21.54 13.69 2.96
N SER A 121 -20.98 13.59 1.77
CA SER A 121 -21.46 12.63 0.73
C SER A 121 -21.12 11.19 0.97
N LEU A 122 -20.39 10.88 2.03
CA LEU A 122 -20.14 9.48 2.46
C LEU A 122 -21.33 8.92 3.24
N GLY A 123 -22.20 9.78 3.75
CA GLY A 123 -23.44 9.35 4.31
C GLY A 123 -23.51 8.90 5.78
N GLU A 124 -24.69 8.46 6.13
CA GLU A 124 -25.05 8.12 7.48
C GLU A 124 -24.90 6.65 7.76
N VAL A 125 -23.67 6.19 7.57
CA VAL A 125 -23.33 4.76 7.68
C VAL A 125 -22.00 4.64 8.44
N HIS A 126 -21.60 3.39 8.75
CA HIS A 126 -20.37 3.11 9.50
C HIS A 126 -19.39 2.23 8.69
N ALA A 127 -19.71 1.95 7.44
CA ALA A 127 -18.78 1.24 6.53
C ALA A 127 -19.06 1.67 5.17
N LEU A 128 -18.06 1.66 4.29
CA LEU A 128 -18.23 2.15 2.92
C LEU A 128 -18.26 1.02 1.96
N ARG A 129 -19.00 1.16 0.86
CA ARG A 129 -19.06 0.19 -0.20
C ARG A 129 -17.94 0.36 -1.19
N ASP A 130 -17.19 -0.74 -1.45
CA ASP A 130 -16.09 -0.70 -2.41
C ASP A 130 -16.55 -1.42 -3.67
N GLY A 131 -16.92 -0.66 -4.67
CA GLY A 131 -17.44 -1.19 -5.91
C GLY A 131 -18.78 -1.87 -5.72
N SER A 132 -19.15 -2.72 -6.64
CA SER A 132 -20.48 -3.37 -6.53
C SER A 132 -20.43 -4.88 -6.50
N ALA A 133 -21.57 -5.54 -6.31
CA ALA A 133 -21.59 -6.99 -6.13
C ALA A 133 -21.09 -7.69 -7.39
N GLU A 134 -20.45 -8.82 -7.17
CA GLU A 134 -20.11 -9.64 -8.35
C GLU A 134 -20.68 -11.01 -8.15
N SER A 135 -21.31 -11.57 -9.19
CA SER A 135 -21.87 -12.88 -9.01
C SER A 135 -20.80 -13.96 -8.97
N LEU A 136 -21.02 -14.89 -8.07
CA LEU A 136 -20.10 -16.04 -7.93
C LEU A 136 -20.83 -17.29 -8.29
N SER A 137 -21.94 -17.20 -9.00
CA SER A 137 -22.80 -18.40 -9.25
C SER A 137 -23.62 -18.18 -10.50
N LYS A 138 -23.95 -19.30 -11.21
CA LYS A 138 -24.71 -19.17 -12.42
C LYS A 138 -26.13 -18.69 -12.20
N ASP A 139 -26.71 -19.00 -11.05
CA ASP A 139 -28.06 -18.63 -10.71
C ASP A 139 -28.14 -17.35 -9.89
N ARG A 140 -26.97 -16.70 -9.70
CA ARG A 140 -26.90 -15.43 -8.94
C ARG A 140 -27.40 -15.54 -7.48
N SER A 141 -27.36 -16.72 -6.85
CA SER A 141 -27.75 -16.90 -5.49
C SER A 141 -26.64 -16.49 -4.52
N PHE A 142 -25.39 -16.54 -5.03
CA PHE A 142 -24.19 -16.32 -4.18
C PHE A 142 -23.32 -15.31 -4.86
N SER A 143 -22.96 -14.26 -4.12
CA SER A 143 -22.19 -13.15 -4.73
C SER A 143 -21.19 -12.54 -3.71
N ALA A 144 -20.33 -11.67 -4.24
CA ALA A 144 -19.33 -10.99 -3.41
C ALA A 144 -19.47 -9.51 -3.43
N GLN A 145 -19.36 -8.86 -2.28
CA GLN A 145 -19.40 -7.40 -2.20
C GLN A 145 -18.20 -7.01 -1.29
N HIS A 146 -17.37 -6.08 -1.79
CA HIS A 146 -16.29 -5.57 -0.93
C HIS A 146 -16.77 -4.38 -0.16
N VAL A 147 -16.22 -4.25 1.05
CA VAL A 147 -16.51 -3.10 1.96
C VAL A 147 -15.22 -2.59 2.55
N LEU A 148 -15.28 -1.37 3.04
CA LEU A 148 -14.21 -0.74 3.76
C LEU A 148 -14.68 -0.42 5.15
N SER A 149 -13.91 -0.80 6.16
CA SER A 149 -14.25 -0.55 7.58
C SER A 149 -13.09 0.25 8.21
N PRO A 150 -13.35 1.21 9.09
CA PRO A 150 -12.24 1.90 9.74
C PRO A 150 -11.28 0.95 10.42
N THR A 151 -10.00 1.24 10.28
CA THR A 151 -9.05 0.36 10.99
C THR A 151 -9.13 0.61 12.52
N ARG A 152 -9.08 -0.44 13.31
CA ARG A 152 -9.12 -0.32 14.79
C ARG A 152 -7.76 -0.01 15.38
N GLY A 153 -7.28 1.14 14.99
CA GLY A 153 -5.91 1.57 15.34
C GLY A 153 -5.93 3.09 15.57
N VAL A 154 -4.74 3.65 15.70
CA VAL A 154 -4.49 5.08 15.70
C VAL A 154 -3.71 5.46 14.42
N ALA A 155 -3.78 6.75 14.11
CA ALA A 155 -2.96 7.35 13.05
C ALA A 155 -1.90 8.23 13.72
N LEU A 156 -0.62 7.94 13.52
CA LEU A 156 0.48 8.74 14.02
C LEU A 156 1.05 9.50 12.88
N PHE A 157 1.05 10.81 13.00
CA PHE A 157 1.60 11.70 12.00
C PHE A 157 2.92 12.30 12.50
N ILE A 158 4.00 12.06 11.73
CA ILE A 158 5.33 12.66 12.01
C ILE A 158 5.56 13.64 10.88
N ASN A 159 5.40 14.93 11.18
CA ASN A 159 5.27 15.95 10.13
C ASN A 159 6.49 16.80 10.01
N ALA A 160 6.57 17.40 8.85
CA ALA A 160 7.77 18.22 8.46
C ALA A 160 7.61 19.69 8.87
N PHE A 161 8.76 20.38 8.90
CA PHE A 161 8.80 21.71 9.46
C PHE A 161 8.11 22.72 8.59
N ASN A 162 7.99 22.45 7.30
CA ASN A 162 7.56 23.56 6.45
C ASN A 162 6.07 23.87 6.49
N PHE A 163 5.23 22.90 6.90
CA PHE A 163 3.78 23.11 6.87
C PHE A 163 3.13 22.67 8.19
N PRO A 164 3.36 23.44 9.28
CA PRO A 164 2.76 23.01 10.56
C PRO A 164 1.26 22.89 10.50
N SER A 165 0.56 23.79 9.78
CA SER A 165 -0.92 23.69 9.67
C SER A 165 -1.34 22.73 8.59
N TRP A 166 -0.89 22.97 7.35
CA TRP A 166 -1.39 22.08 6.25
C TRP A 166 -0.96 20.61 6.45
N GLY A 167 0.25 20.41 6.98
CA GLY A 167 0.67 18.97 7.22
C GLY A 167 -0.24 18.33 8.23
N LEU A 168 -0.70 19.02 9.28
CA LEU A 168 -1.69 18.47 10.20
C LEU A 168 -3.02 18.19 9.45
N TRP A 169 -3.61 19.22 8.80
CA TRP A 169 -4.97 19.00 8.31
C TRP A 169 -5.08 18.22 7.10
N GLU A 170 -4.06 18.18 6.21
CA GLU A 170 -4.14 17.32 5.03
C GLU A 170 -4.23 15.81 5.42
N LYS A 171 -3.60 15.45 6.53
CA LYS A 171 -3.64 14.09 7.13
C LYS A 171 -4.83 13.90 8.03
N ALA A 172 -5.07 14.88 8.92
CA ALA A 172 -6.11 14.64 9.93
C ALA A 172 -7.51 14.64 9.29
N ALA A 173 -7.73 15.42 8.24
CA ALA A 173 -9.09 15.44 7.63
C ALA A 173 -9.52 14.08 7.16
N PRO A 174 -8.74 13.39 6.29
CA PRO A 174 -9.22 12.06 5.91
C PRO A 174 -9.13 11.03 7.02
N ALA A 175 -8.23 11.18 7.99
CA ALA A 175 -8.11 10.21 9.11
C ALA A 175 -9.36 10.30 9.99
N LEU A 176 -9.66 11.56 10.42
CA LEU A 176 -10.89 11.72 11.31
C LEU A 176 -12.17 11.43 10.54
N LEU A 177 -12.24 11.76 9.24
CA LEU A 177 -13.40 11.38 8.44
C LEU A 177 -13.52 9.89 8.42
N SER A 178 -12.44 9.13 8.37
CA SER A 178 -12.41 7.70 8.33
C SER A 178 -12.66 7.02 9.69
N GLY A 179 -12.79 7.85 10.73
CA GLY A 179 -13.05 7.30 12.07
C GLY A 179 -11.83 6.79 12.83
N VAL A 180 -10.64 7.32 12.44
CA VAL A 180 -9.37 6.84 13.08
C VAL A 180 -8.79 8.02 13.90
N PRO A 181 -8.55 7.79 15.21
CA PRO A 181 -8.02 8.84 16.04
C PRO A 181 -6.58 9.23 15.67
N VAL A 182 -6.26 10.50 15.87
CA VAL A 182 -5.01 11.10 15.40
C VAL A 182 -4.05 11.42 16.56
N ILE A 183 -2.78 11.09 16.45
CA ILE A 183 -1.71 11.55 17.31
C ILE A 183 -0.75 12.28 16.40
N VAL A 184 -0.66 13.61 16.56
CA VAL A 184 0.28 14.37 15.71
C VAL A 184 1.57 14.74 16.46
N LYS A 185 2.67 14.61 15.77
CA LYS A 185 3.97 14.95 16.26
C LYS A 185 4.61 15.92 15.25
N PRO A 186 4.37 17.22 15.43
CA PRO A 186 4.97 18.17 14.45
C PRO A 186 6.46 18.29 14.57
N ALA A 187 7.12 18.72 13.52
CA ALA A 187 8.53 19.05 13.65
C ALA A 187 8.74 20.09 14.71
N THR A 188 9.78 19.90 15.52
CA THR A 188 9.98 20.82 16.66
C THR A 188 10.14 22.28 16.26
N ALA A 189 10.96 22.61 15.27
CA ALA A 189 11.33 24.04 15.09
C ALA A 189 10.14 24.95 14.88
N THR A 190 9.09 24.42 14.21
CA THR A 190 7.90 25.19 13.88
C THR A 190 6.64 24.58 14.48
N ALA A 191 6.75 23.88 15.60
CA ALA A 191 5.64 23.18 16.20
C ALA A 191 4.55 24.14 16.75
N TRP A 192 4.82 25.41 17.04
CA TRP A 192 3.89 26.23 17.81
C TRP A 192 2.53 26.29 17.11
N LEU A 193 2.47 26.52 15.82
CA LEU A 193 1.14 26.65 15.16
C LEU A 193 0.36 25.40 15.23
N THR A 194 1.02 24.26 15.01
CA THR A 194 0.32 22.99 15.12
C THR A 194 -0.25 22.82 16.50
N GLN A 195 0.52 23.11 17.52
CA GLN A 195 0.06 22.97 18.91
C GLN A 195 -1.03 23.94 19.21
N ARG A 196 -1.04 25.17 18.71
CA ARG A 196 -2.11 26.09 19.03
C ARG A 196 -3.40 25.69 18.33
N MET A 197 -3.27 25.21 17.08
CA MET A 197 -4.49 24.76 16.37
C MET A 197 -5.10 23.58 17.11
N VAL A 198 -4.30 22.55 17.46
CA VAL A 198 -4.83 21.41 18.21
C VAL A 198 -5.44 21.95 19.52
N ALA A 199 -4.73 22.85 20.24
CA ALA A 199 -5.29 23.33 21.51
C ALA A 199 -6.65 24.03 21.29
N ASP A 200 -6.78 24.85 20.28
CA ASP A 200 -8.11 25.49 19.99
C ASP A 200 -9.15 24.49 19.69
N VAL A 201 -8.86 23.45 18.94
CA VAL A 201 -9.87 22.46 18.59
C VAL A 201 -10.23 21.62 19.80
N VAL A 202 -9.24 21.17 20.56
CA VAL A 202 -9.53 20.37 21.77
C VAL A 202 -10.31 21.22 22.75
N ASP A 203 -9.95 22.44 23.01
CA ASP A 203 -10.61 23.30 23.98
C ASP A 203 -12.08 23.51 23.54
N ALA A 204 -12.39 23.53 22.24
CA ALA A 204 -13.75 23.76 21.76
C ALA A 204 -14.60 22.49 21.98
N GLY A 205 -14.01 21.32 22.16
CA GLY A 205 -14.87 20.12 22.43
C GLY A 205 -15.61 19.64 21.23
N ILE A 206 -15.13 19.95 20.05
CA ILE A 206 -15.82 19.53 18.83
C ILE A 206 -15.68 18.00 18.61
N LEU A 207 -14.52 17.42 18.89
CA LEU A 207 -14.29 15.96 18.67
C LEU A 207 -14.38 15.27 20.04
N PRO A 208 -14.66 13.99 19.99
CA PRO A 208 -14.74 13.28 21.28
C PRO A 208 -13.39 13.14 21.95
N PRO A 209 -13.37 12.98 23.26
CA PRO A 209 -12.09 12.70 23.88
C PRO A 209 -11.34 11.53 23.26
N GLY A 210 -10.05 11.78 23.10
CA GLY A 210 -9.17 10.76 22.50
C GLY A 210 -9.04 10.88 20.96
N ALA A 211 -9.86 11.67 20.29
CA ALA A 211 -9.81 11.69 18.84
C ALA A 211 -8.64 12.48 18.35
N LEU A 212 -8.06 13.40 19.13
CA LEU A 212 -6.99 14.27 18.63
C LEU A 212 -6.01 14.51 19.77
N SER A 213 -4.76 14.07 19.66
CA SER A 213 -3.71 14.18 20.63
C SER A 213 -2.52 14.84 19.94
N ILE A 214 -1.67 15.47 20.71
CA ILE A 214 -0.45 16.10 20.19
C ILE A 214 0.68 15.86 21.16
N ILE A 215 1.87 15.51 20.62
CA ILE A 215 3.13 15.34 21.39
C ILE A 215 4.15 16.24 20.63
N CYS A 216 4.77 17.16 21.35
CA CYS A 216 5.88 17.95 20.81
C CYS A 216 7.17 17.75 21.57
N GLY A 217 8.28 17.74 20.93
CA GLY A 217 9.57 17.43 21.59
C GLY A 217 10.13 16.17 21.00
N SER A 218 10.92 15.45 21.83
CA SER A 218 11.57 14.20 21.37
C SER A 218 10.54 13.19 20.90
N SER A 219 10.92 12.49 19.78
CA SER A 219 10.08 11.42 19.25
C SER A 219 10.37 10.05 19.91
N ALA A 220 11.30 10.04 20.87
CA ALA A 220 11.70 8.72 21.43
C ALA A 220 10.55 7.95 21.98
N GLY A 221 10.47 6.66 21.66
CA GLY A 221 9.42 5.85 22.26
C GLY A 221 8.11 5.82 21.50
N LEU A 222 7.90 6.71 20.51
CA LEU A 222 6.61 6.66 19.82
C LEU A 222 6.35 5.44 18.98
N LEU A 223 7.29 5.07 18.12
CA LEU A 223 7.04 3.92 17.28
C LEU A 223 6.98 2.65 18.07
N ASP A 224 7.60 2.65 19.27
CA ASP A 224 7.52 1.43 20.13
C ASP A 224 6.10 1.14 20.53
N GLN A 225 5.23 2.14 20.50
CA GLN A 225 3.80 1.97 20.90
C GLN A 225 2.89 1.63 19.69
N ILE A 226 3.44 1.61 18.46
CA ILE A 226 2.61 1.31 17.27
C ILE A 226 2.38 -0.17 17.16
N ARG A 227 1.14 -0.51 16.87
CA ARG A 227 0.62 -1.91 16.76
C ARG A 227 0.10 -2.18 15.36
N SER A 228 -0.27 -3.43 15.08
CA SER A 228 -0.42 -3.83 13.69
C SER A 228 -1.61 -3.24 12.95
N PHE A 229 -2.57 -2.69 13.66
CA PHE A 229 -3.72 -2.05 13.00
C PHE A 229 -3.61 -0.55 12.97
N ASP A 230 -2.49 -0.05 13.41
CA ASP A 230 -2.25 1.42 13.36
C ASP A 230 -1.68 1.79 12.02
N VAL A 231 -1.67 3.10 11.76
CA VAL A 231 -1.01 3.63 10.56
C VAL A 231 -0.10 4.77 10.88
N VAL A 232 0.98 4.98 10.13
CA VAL A 232 1.96 5.99 10.42
C VAL A 232 2.14 6.74 9.13
N SER A 233 2.06 8.07 9.17
CA SER A 233 2.33 8.91 8.00
C SER A 233 3.42 9.86 8.28
N PHE A 234 4.55 9.62 7.65
CA PHE A 234 5.81 10.38 7.83
C PHE A 234 6.07 11.32 6.70
N THR A 235 6.36 12.58 6.98
CA THR A 235 6.82 13.49 5.94
C THR A 235 8.17 14.07 6.39
N GLY A 236 9.18 13.99 5.51
CA GLY A 236 10.50 14.55 5.89
C GLY A 236 11.55 13.88 4.98
N SER A 237 12.78 13.81 5.48
CA SER A 237 13.85 13.36 4.63
C SER A 237 13.82 11.90 4.32
N ALA A 238 14.27 11.56 3.12
CA ALA A 238 14.39 10.16 2.79
C ALA A 238 15.29 9.37 3.75
N ASP A 239 16.35 10.04 4.25
CA ASP A 239 17.24 9.32 5.18
C ASP A 239 16.55 8.96 6.50
N THR A 240 15.74 9.91 7.02
CA THR A 240 15.02 9.67 8.25
C THR A 240 13.94 8.61 7.95
N ALA A 241 13.31 8.70 6.78
CA ALA A 241 12.30 7.65 6.49
C ALA A 241 12.88 6.24 6.49
N ALA A 242 14.13 6.10 5.98
CA ALA A 242 14.72 4.75 5.98
C ALA A 242 15.02 4.28 7.41
N THR A 243 15.39 5.19 8.32
CA THR A 243 15.57 4.87 9.70
C THR A 243 14.27 4.32 10.28
N LEU A 244 13.15 5.03 10.00
CA LEU A 244 11.87 4.59 10.56
C LEU A 244 11.42 3.26 9.97
N ARG A 245 11.64 3.05 8.67
CA ARG A 245 11.19 1.79 8.09
C ARG A 245 11.79 0.56 8.73
N ALA A 246 12.98 0.68 9.31
CA ALA A 246 13.63 -0.50 9.95
C ALA A 246 13.02 -0.85 11.28
N HIS A 247 12.14 0.00 11.82
CA HIS A 247 11.66 -0.22 13.16
C HIS A 247 10.73 -1.42 13.22
N PRO A 248 10.73 -2.19 14.32
CA PRO A 248 9.80 -3.33 14.49
C PRO A 248 8.39 -3.06 14.27
N ALA A 249 7.93 -1.82 14.52
CA ALA A 249 6.49 -1.49 14.23
C ALA A 249 6.12 -1.90 12.80
N PHE A 250 7.02 -1.72 11.85
CA PHE A 250 6.82 -2.11 10.43
C PHE A 250 7.37 -3.44 10.09
N VAL A 251 8.59 -3.74 10.51
CA VAL A 251 9.24 -4.96 10.06
C VAL A 251 8.63 -6.19 10.71
N GLN A 252 8.29 -6.16 12.00
CA GLN A 252 7.63 -7.26 12.68
C GLN A 252 6.16 -7.15 12.74
N ARG A 253 5.64 -5.94 13.09
CA ARG A 253 4.19 -5.89 13.38
C ARG A 253 3.34 -5.43 12.18
N GLY A 254 4.02 -5.00 11.10
CA GLY A 254 3.29 -4.80 9.80
C GLY A 254 2.40 -3.54 9.74
N ALA A 255 2.60 -2.56 10.65
CA ALA A 255 1.76 -1.40 10.62
C ALA A 255 1.99 -0.72 9.30
N ARG A 256 0.89 -0.08 8.81
CA ARG A 256 1.01 0.63 7.50
C ARG A 256 1.85 1.84 7.70
N LEU A 257 2.63 2.18 6.70
CA LEU A 257 3.48 3.38 6.66
C LEU A 257 3.38 4.07 5.34
N ASN A 258 3.10 5.38 5.39
CA ASN A 258 3.24 6.25 4.19
C ASN A 258 4.43 7.12 4.42
N VAL A 259 5.27 7.31 3.39
CA VAL A 259 6.42 8.20 3.38
C VAL A 259 6.20 9.24 2.28
N GLN A 260 6.38 10.50 2.63
CA GLN A 260 6.58 11.51 1.61
C GLN A 260 7.89 12.20 1.91
N ALA A 261 8.78 12.15 0.94
CA ALA A 261 10.14 12.66 1.12
C ALA A 261 10.49 13.70 0.11
N ASP A 262 11.76 14.05 0.09
CA ASP A 262 12.01 15.05 -0.89
C ASP A 262 12.11 14.60 -2.35
N SER A 263 12.20 15.59 -3.22
CA SER A 263 12.00 15.35 -4.58
C SER A 263 12.66 16.41 -5.44
N LEU A 264 13.39 16.08 -6.49
CA LEU A 264 14.01 17.11 -7.34
C LEU A 264 13.03 17.38 -8.51
N ASN A 265 11.93 18.06 -8.20
CA ASN A 265 10.84 18.22 -9.18
C ASN A 265 11.29 19.00 -10.39
N SER A 266 10.75 18.62 -11.54
CA SER A 266 11.14 19.24 -12.83
C SER A 266 10.07 20.18 -13.34
N ALA A 267 10.57 21.07 -14.21
CA ALA A 267 9.73 21.90 -15.06
C ALA A 267 10.32 21.78 -16.46
N ILE A 268 9.48 21.48 -17.45
CA ILE A 268 9.99 21.33 -18.81
C ILE A 268 9.30 22.29 -19.71
N LEU A 269 10.17 23.14 -20.33
CA LEU A 269 9.73 24.09 -21.36
C LEU A 269 9.72 23.36 -22.70
N CYS A 270 8.50 23.25 -23.26
CA CYS A 270 8.42 22.47 -24.55
C CYS A 270 9.11 23.21 -25.71
N ALA A 271 9.37 22.39 -26.72
CA ALA A 271 10.10 22.97 -27.88
C ALA A 271 9.31 24.05 -28.56
N ASP A 272 7.99 24.02 -28.58
CA ASP A 272 7.17 25.06 -29.21
C ASP A 272 7.16 26.39 -28.48
N ALA A 273 7.60 26.34 -27.18
CA ALA A 273 7.39 27.50 -26.30
C ALA A 273 8.66 28.34 -26.36
N THR A 274 8.83 28.97 -27.52
CA THR A 274 9.99 29.85 -27.79
C THR A 274 9.74 31.24 -27.18
N PRO A 275 10.80 32.06 -27.12
CA PRO A 275 10.66 33.30 -26.34
C PRO A 275 9.59 34.27 -26.81
N ASP A 276 9.19 34.18 -28.07
CA ASP A 276 8.16 35.11 -28.58
C ASP A 276 6.72 34.63 -28.37
N THR A 277 6.55 33.57 -27.60
CA THR A 277 5.21 32.97 -27.44
C THR A 277 4.74 33.08 -26.00
N PRO A 278 3.43 32.99 -25.78
CA PRO A 278 2.92 33.23 -24.41
C PRO A 278 3.31 32.15 -23.37
N ALA A 279 3.54 30.91 -23.81
CA ALA A 279 3.82 29.86 -22.84
C ALA A 279 5.22 30.15 -22.24
N PHE A 280 6.16 30.80 -22.97
CA PHE A 280 7.45 31.11 -22.42
C PHE A 280 7.33 31.92 -21.15
N ASP A 281 6.53 33.00 -21.11
CA ASP A 281 6.43 33.83 -19.94
C ASP A 281 5.79 33.05 -18.75
N LEU A 282 4.87 32.14 -19.10
CA LEU A 282 4.20 31.42 -17.99
C LEU A 282 5.28 30.55 -17.33
N PHE A 283 6.16 29.90 -18.07
CA PHE A 283 7.25 29.13 -17.54
C PHE A 283 8.13 30.00 -16.67
N ILE A 284 8.62 31.16 -17.15
CA ILE A 284 9.48 32.00 -16.34
C ILE A 284 8.79 32.33 -15.03
N LYS A 285 7.51 32.74 -15.05
CA LYS A 285 6.80 33.08 -13.84
C LYS A 285 6.69 31.96 -12.87
N GLU A 286 6.45 30.75 -13.36
CA GLU A 286 6.19 29.62 -12.45
C GLU A 286 7.49 29.19 -11.83
N VAL A 287 8.62 29.21 -12.54
CA VAL A 287 9.87 28.90 -11.95
C VAL A 287 10.22 29.90 -10.83
N VAL A 288 10.05 31.19 -11.02
CA VAL A 288 10.37 32.17 -10.00
C VAL A 288 9.41 31.98 -8.83
N ARG A 289 8.11 31.76 -9.04
CA ARG A 289 7.23 31.57 -7.91
C ARG A 289 7.64 30.36 -7.07
N GLU A 290 7.97 29.24 -7.72
CA GLU A 290 8.31 28.07 -6.93
C GLU A 290 9.64 28.23 -6.21
N MET A 291 10.61 28.97 -6.77
CA MET A 291 11.87 29.27 -6.03
C MET A 291 11.65 30.11 -4.83
N THR A 292 10.64 30.97 -4.81
CA THR A 292 10.58 32.01 -3.85
C THR A 292 9.48 31.90 -2.80
N VAL A 293 8.36 31.23 -3.10
CA VAL A 293 7.31 31.02 -2.09
C VAL A 293 7.93 30.26 -0.90
N LYS A 294 7.79 30.82 0.29
CA LYS A 294 8.35 30.14 1.51
C LYS A 294 9.87 29.93 1.34
N SER A 295 10.50 30.82 0.55
CA SER A 295 11.96 30.69 0.32
C SER A 295 12.31 29.35 -0.27
N GLY A 296 11.40 28.77 -1.09
CA GLY A 296 11.63 27.49 -1.74
C GLY A 296 11.41 26.31 -0.90
N GLN A 297 10.88 26.48 0.32
CA GLN A 297 10.75 25.35 1.27
C GLN A 297 9.45 24.60 1.10
N LYS A 298 9.07 24.27 -0.15
CA LYS A 298 7.98 23.34 -0.47
C LYS A 298 8.62 22.11 -0.98
N CYS A 299 8.12 20.94 -0.55
CA CYS A 299 8.65 19.73 -1.12
C CYS A 299 8.38 19.56 -2.66
N THR A 300 7.33 20.26 -3.10
CA THR A 300 6.92 20.22 -4.48
C THR A 300 7.63 21.28 -5.32
N ALA A 301 8.52 22.13 -4.76
CA ALA A 301 9.08 23.22 -5.55
C ALA A 301 9.92 22.71 -6.74
N ILE A 302 9.92 23.49 -7.82
CA ILE A 302 10.80 23.18 -9.00
C ILE A 302 12.27 23.33 -8.58
N ARG A 303 13.01 22.23 -8.81
CA ARG A 303 14.44 22.23 -8.52
C ARG A 303 15.28 22.16 -9.84
N ARG A 304 14.70 21.56 -10.90
CA ARG A 304 15.44 21.33 -12.15
C ARG A 304 14.51 21.82 -13.22
N ALA A 305 15.00 22.77 -14.05
CA ALA A 305 14.20 23.37 -15.18
C ALA A 305 14.93 23.03 -16.44
N PHE A 306 14.24 22.29 -17.29
CA PHE A 306 14.85 21.77 -18.57
C PHE A 306 14.23 22.55 -19.72
N VAL A 307 15.14 23.14 -20.55
CA VAL A 307 14.73 24.02 -21.64
C VAL A 307 15.57 23.62 -22.93
N PRO A 308 14.93 23.83 -24.11
CA PRO A 308 15.71 23.52 -25.32
C PRO A 308 17.05 24.29 -25.35
N GLU A 309 18.09 23.62 -25.89
CA GLU A 309 19.35 24.38 -26.07
C GLU A 309 19.25 25.79 -26.59
N ALA A 310 18.41 25.97 -27.64
CA ALA A 310 18.29 27.24 -28.27
C ALA A 310 17.69 28.28 -27.37
N ALA A 311 16.86 27.82 -26.37
CA ALA A 311 16.17 28.74 -25.47
C ALA A 311 16.98 28.99 -24.16
N LEU A 312 18.12 28.35 -23.98
CA LEU A 312 18.85 28.49 -22.71
C LEU A 312 19.13 29.93 -22.36
N GLU A 313 19.77 30.66 -23.26
CA GLU A 313 20.17 32.05 -22.91
C GLU A 313 18.97 32.94 -22.69
N PRO A 314 17.96 32.91 -23.54
CA PRO A 314 16.80 33.75 -23.24
C PRO A 314 16.08 33.38 -21.94
N VAL A 315 16.06 32.06 -21.61
CA VAL A 315 15.46 31.67 -20.32
C VAL A 315 16.28 32.24 -19.09
N LEU A 316 17.61 32.14 -19.15
CA LEU A 316 18.41 32.66 -18.05
C LEU A 316 18.21 34.13 -17.91
N GLU A 317 18.21 34.86 -19.05
CA GLU A 317 18.01 36.29 -18.99
C GLU A 317 16.63 36.70 -18.44
N ALA A 318 15.57 36.01 -18.80
CA ALA A 318 14.30 36.35 -18.30
C ALA A 318 14.12 35.95 -16.78
N LEU A 319 14.72 34.80 -16.41
CA LEU A 319 14.67 34.46 -14.95
C LEU A 319 15.43 35.49 -14.15
N LYS A 320 16.60 35.94 -14.64
CA LYS A 320 17.36 36.96 -13.89
C LYS A 320 16.53 38.19 -13.70
N ALA A 321 15.88 38.68 -14.74
CA ALA A 321 15.11 39.93 -14.60
C ALA A 321 13.96 39.76 -13.60
N LYS A 322 13.30 38.59 -13.61
CA LYS A 322 12.16 38.44 -12.70
C LYS A 322 12.62 38.19 -11.25
N LEU A 323 13.70 37.44 -11.05
CA LEU A 323 14.24 37.21 -9.70
C LEU A 323 14.66 38.51 -9.10
N ALA A 324 15.15 39.46 -9.93
CA ALA A 324 15.63 40.70 -9.38
C ALA A 324 14.52 41.56 -8.75
N LYS A 325 13.26 41.26 -9.05
CA LYS A 325 12.16 41.99 -8.34
C LYS A 325 11.93 41.42 -6.94
N ILE A 326 12.54 40.29 -6.59
CA ILE A 326 12.21 39.64 -5.27
C ILE A 326 13.06 40.31 -4.21
N THR A 327 12.45 41.06 -3.31
CA THR A 327 13.14 41.69 -2.18
C THR A 327 13.08 40.71 -0.97
N VAL A 328 14.13 40.67 -0.16
CA VAL A 328 14.29 39.70 0.92
C VAL A 328 14.44 40.43 2.26
N GLY A 329 13.84 39.88 3.29
CA GLY A 329 14.02 40.49 4.62
C GLY A 329 12.89 40.12 5.55
N ASN A 330 12.65 41.08 6.46
CA ASN A 330 11.66 40.88 7.53
C ASN A 330 10.26 40.88 6.91
N PRO A 331 9.45 39.83 7.13
CA PRO A 331 8.09 39.81 6.54
C PRO A 331 7.17 40.85 7.17
N ARG A 332 7.54 41.44 8.29
CA ARG A 332 6.73 42.54 8.87
C ARG A 332 6.76 43.78 7.98
N ASN A 333 7.73 43.88 7.10
CA ASN A 333 7.80 45.04 6.16
C ASN A 333 7.06 44.69 4.90
N ASP A 334 6.11 45.54 4.48
CA ASP A 334 5.31 45.38 3.30
C ASP A 334 6.10 45.36 1.99
N ALA A 335 7.32 45.88 2.03
CA ALA A 335 8.14 45.94 0.79
C ALA A 335 8.80 44.56 0.57
N VAL A 336 8.70 43.61 1.53
CA VAL A 336 9.44 42.34 1.43
C VAL A 336 8.59 41.35 0.69
N ARG A 337 9.14 40.76 -0.38
CA ARG A 337 8.47 39.73 -1.14
C ARG A 337 8.80 38.31 -0.67
N MET A 338 9.95 38.11 -0.02
CA MET A 338 10.38 36.80 0.45
C MET A 338 11.02 36.96 1.83
N GLY A 339 10.57 36.13 2.76
CA GLY A 339 11.09 36.21 4.14
C GLY A 339 12.28 35.26 4.36
N SER A 340 12.31 34.57 5.47
CA SER A 340 13.45 33.74 5.83
C SER A 340 13.16 32.28 5.65
N LEU A 341 14.21 31.45 5.73
CA LEU A 341 14.04 30.04 5.97
C LEU A 341 13.55 29.77 7.38
N VAL A 342 13.24 28.50 7.71
CA VAL A 342 12.53 28.31 9.02
C VAL A 342 13.48 28.42 10.17
N SER A 343 14.80 28.31 9.98
CA SER A 343 15.74 28.32 11.11
C SER A 343 17.12 28.60 10.67
N ARG A 344 17.99 28.97 11.60
CA ARG A 344 19.39 29.26 11.30
C ARG A 344 20.09 27.91 10.96
N GLU A 345 19.62 26.81 11.48
CA GLU A 345 20.22 25.51 11.09
C GLU A 345 19.93 25.29 9.60
N GLN A 346 18.68 25.51 9.16
CA GLN A 346 18.37 25.32 7.75
C GLN A 346 19.15 26.32 6.90
N TYR A 347 19.30 27.57 7.37
CA TYR A 347 20.12 28.52 6.70
C TYR A 347 21.54 27.95 6.44
N GLU A 348 22.15 27.35 7.47
CA GLU A 348 23.51 26.83 7.21
C GLU A 348 23.50 25.66 6.29
N ASN A 349 22.48 24.82 6.37
CA ASN A 349 22.38 23.71 5.40
C ASN A 349 22.23 24.20 4.01
N VAL A 350 21.38 25.19 3.78
CA VAL A 350 21.13 25.69 2.45
C VAL A 350 22.38 26.33 1.86
N LEU A 351 23.08 27.15 2.66
CA LEU A 351 24.30 27.81 2.17
C LEU A 351 25.36 26.74 1.87
N ALA A 352 25.48 25.66 2.63
CA ALA A 352 26.49 24.59 2.26
C ALA A 352 26.03 23.97 0.97
N GLY A 353 24.72 23.71 0.77
CA GLY A 353 24.25 23.09 -0.46
C GLY A 353 24.49 23.97 -1.65
N ILE A 354 24.31 25.28 -1.55
CA ILE A 354 24.62 26.16 -2.60
C ILE A 354 26.13 26.07 -2.96
N ALA A 355 27.02 26.06 -1.98
CA ALA A 355 28.45 25.91 -2.31
C ALA A 355 28.70 24.56 -2.97
N ALA A 356 28.04 23.50 -2.56
CA ALA A 356 28.23 22.17 -3.17
C ALA A 356 27.77 22.23 -4.66
N LEU A 357 26.60 22.76 -4.93
CA LEU A 357 26.12 22.78 -6.33
C LEU A 357 27.06 23.62 -7.16
N ARG A 358 27.63 24.68 -6.61
CA ARG A 358 28.43 25.60 -7.37
C ARG A 358 29.73 24.93 -7.84
N GLU A 359 30.15 23.82 -7.22
CA GLU A 359 31.33 23.08 -7.75
C GLU A 359 31.07 22.49 -9.10
N GLU A 360 29.80 22.33 -9.51
CA GLU A 360 29.44 21.64 -10.73
C GLU A 360 28.52 22.43 -11.61
N ALA A 361 28.30 23.70 -11.31
CA ALA A 361 27.27 24.50 -12.03
C ALA A 361 27.70 25.91 -11.98
N VAL A 362 27.31 26.70 -12.91
CA VAL A 362 27.60 28.11 -12.90
C VAL A 362 26.48 28.83 -12.17
N LEU A 363 26.81 29.80 -11.34
CA LEU A 363 25.85 30.62 -10.70
C LEU A 363 25.39 31.78 -11.59
N ALA A 364 24.24 31.69 -12.19
CA ALA A 364 23.73 32.69 -13.08
C ALA A 364 23.07 33.88 -12.39
N TYR A 365 22.51 33.65 -11.21
CA TYR A 365 21.85 34.77 -10.54
C TYR A 365 22.05 34.55 -9.05
N ASP A 366 22.35 35.63 -8.32
CA ASP A 366 22.42 35.58 -6.85
C ASP A 366 22.35 36.98 -6.35
N SER A 367 21.34 37.29 -5.55
CA SER A 367 21.26 38.68 -5.01
C SER A 367 21.75 38.73 -3.53
N SER A 368 22.64 37.84 -3.14
CA SER A 368 23.22 37.85 -1.75
C SER A 368 23.81 39.16 -1.31
N ALA A 369 24.30 39.95 -2.20
CA ALA A 369 24.94 41.21 -1.75
C ALA A 369 23.89 42.29 -1.46
N VAL A 370 22.61 42.06 -1.78
CA VAL A 370 21.62 43.08 -1.55
C VAL A 370 21.32 43.13 -0.03
N PRO A 371 21.39 44.30 0.64
CA PRO A 371 21.05 44.32 2.08
C PRO A 371 19.64 43.83 2.37
N LEU A 372 19.56 43.06 3.46
CA LEU A 372 18.24 42.61 3.88
C LEU A 372 17.39 43.82 4.34
N ILE A 373 16.10 43.72 4.17
CA ILE A 373 15.20 44.80 4.64
C ILE A 373 14.87 44.46 6.11
N ASP A 374 15.24 45.36 7.06
CA ASP A 374 14.81 45.20 8.46
C ASP A 374 15.28 43.89 9.06
N ALA A 375 16.45 43.43 8.79
CA ALA A 375 17.02 42.20 9.33
C ALA A 375 18.53 42.23 9.27
N ASP A 376 19.20 41.53 10.15
CA ASP A 376 20.68 41.39 10.23
C ASP A 376 21.05 40.05 9.71
N ALA A 377 22.05 39.95 8.82
CA ALA A 377 22.42 38.69 8.21
C ALA A 377 22.91 37.68 9.13
N ASN A 378 23.37 38.18 10.27
CA ASN A 378 23.96 37.31 11.22
C ASN A 378 22.97 36.82 12.34
N ILE A 379 21.72 37.30 12.20
CA ILE A 379 20.67 36.88 13.10
C ILE A 379 19.56 36.17 12.26
N ALA A 380 19.16 36.75 11.12
CA ALA A 380 18.05 36.17 10.31
C ALA A 380 18.56 34.98 9.54
N ALA A 381 17.66 34.10 9.27
CA ALA A 381 17.88 32.93 8.43
C ALA A 381 17.47 33.22 6.98
N CYS A 382 17.75 34.42 6.50
CA CYS A 382 17.45 34.75 5.08
C CYS A 382 18.56 34.33 4.12
N VAL A 383 18.13 33.70 3.04
CA VAL A 383 18.99 33.37 1.88
C VAL A 383 18.33 33.99 0.67
N ALA A 384 19.13 34.67 -0.19
CA ALA A 384 18.66 35.24 -1.43
C ALA A 384 18.45 34.13 -2.48
N PRO A 385 17.59 34.43 -3.49
CA PRO A 385 17.49 33.41 -4.59
C PRO A 385 18.83 33.20 -5.25
N HIS A 386 19.09 31.90 -5.57
CA HIS A 386 20.29 31.52 -6.34
C HIS A 386 19.85 30.67 -7.50
N LEU A 387 20.28 31.06 -8.72
CA LEU A 387 19.94 30.25 -9.95
C LEU A 387 21.20 29.70 -10.54
N PHE A 388 21.25 28.40 -10.73
CA PHE A 388 22.39 27.71 -11.33
C PHE A 388 22.10 27.32 -12.76
N VAL A 389 23.15 27.16 -13.57
CA VAL A 389 23.06 26.58 -14.92
C VAL A 389 24.02 25.45 -15.04
N VAL A 390 23.50 24.32 -15.52
CA VAL A 390 24.29 23.08 -15.78
C VAL A 390 24.20 22.82 -17.25
N ASN A 391 25.27 23.09 -17.97
CA ASN A 391 25.25 22.94 -19.44
C ASN A 391 25.23 21.53 -19.92
N ASP A 392 25.72 20.56 -19.15
CA ASP A 392 25.79 19.20 -19.63
C ASP A 392 25.04 18.29 -18.64
N PRO A 393 23.69 18.29 -18.77
CA PRO A 393 22.95 17.53 -17.71
C PRO A 393 23.12 16.02 -17.86
N ASP A 394 23.48 15.54 -19.08
CA ASP A 394 23.78 14.13 -19.16
C ASP A 394 24.91 13.68 -18.26
N ASN A 395 25.97 14.49 -18.11
CA ASN A 395 27.09 14.01 -17.31
C ASN A 395 27.18 14.66 -16.01
N ALA A 396 26.12 15.37 -15.62
CA ALA A 396 26.15 16.15 -14.36
C ALA A 396 26.13 15.25 -13.17
N THR A 397 27.03 15.52 -12.21
CA THR A 397 27.12 14.61 -11.05
C THR A 397 26.21 15.01 -9.90
N LEU A 398 25.77 16.28 -9.82
CA LEU A 398 24.95 16.71 -8.71
C LEU A 398 23.52 17.08 -9.14
N LEU A 399 23.31 17.58 -10.36
CA LEU A 399 22.01 18.14 -10.78
C LEU A 399 20.86 17.23 -10.42
N HIS A 400 21.02 15.94 -10.70
CA HIS A 400 19.87 14.98 -10.55
C HIS A 400 19.84 14.31 -9.22
N ASP A 401 20.73 14.70 -8.30
CA ASP A 401 20.94 13.98 -7.04
C ASP A 401 20.90 14.85 -5.85
N VAL A 402 21.29 16.13 -5.92
CA VAL A 402 21.44 16.96 -4.72
C VAL A 402 20.42 18.09 -4.78
N GLU A 403 19.59 18.14 -3.77
CA GLU A 403 18.58 19.16 -3.68
C GLU A 403 18.97 20.07 -2.55
N VAL A 404 18.76 21.35 -2.85
CA VAL A 404 18.90 22.39 -1.79
C VAL A 404 17.48 22.87 -1.45
N PHE A 405 17.18 22.76 -0.16
CA PHE A 405 15.80 23.06 0.33
C PHE A 405 15.65 24.54 0.65
N GLY A 406 15.83 25.37 -0.40
CA GLY A 406 15.84 26.83 -0.23
C GLY A 406 15.51 27.45 -1.58
N PRO A 407 15.83 28.70 -1.74
CA PRO A 407 15.37 29.41 -2.92
C PRO A 407 16.33 29.26 -4.10
N VAL A 408 16.48 28.01 -4.52
CA VAL A 408 17.64 27.57 -5.32
C VAL A 408 17.10 26.64 -6.37
N ALA A 409 17.37 26.88 -7.64
CA ALA A 409 17.01 25.89 -8.70
C ALA A 409 18.12 25.95 -9.75
N SER A 410 18.18 24.90 -10.57
CA SER A 410 19.20 24.76 -11.65
C SER A 410 18.44 24.61 -12.97
N VAL A 411 18.92 25.35 -14.00
CA VAL A 411 18.42 25.28 -15.41
C VAL A 411 19.43 24.49 -16.23
N ALA A 412 18.93 23.57 -17.08
CA ALA A 412 19.84 22.77 -17.92
C ALA A 412 19.13 22.66 -19.29
N PRO A 413 19.94 22.76 -20.37
CA PRO A 413 19.38 22.56 -21.72
C PRO A 413 19.20 21.05 -22.04
N TYR A 414 18.17 20.82 -22.84
CA TYR A 414 18.05 19.46 -23.42
C TYR A 414 18.10 19.57 -24.97
N ARG A 415 18.46 18.44 -25.58
CA ARG A 415 18.57 18.35 -27.06
C ARG A 415 17.21 17.95 -27.61
N VAL A 416 16.57 18.86 -28.34
CA VAL A 416 15.25 18.66 -28.97
C VAL A 416 15.36 17.49 -29.94
N THR A 417 14.36 16.59 -29.90
CA THR A 417 14.24 15.47 -30.82
C THR A 417 13.35 15.89 -31.99
N THR A 418 13.79 15.85 -33.25
CA THR A 418 12.67 15.94 -34.28
C THR A 418 12.47 14.72 -35.19
N ASP A 419 11.28 14.10 -35.03
CA ASP A 419 10.95 12.82 -35.61
C ASP A 419 9.46 12.52 -35.56
N LEU A 423 8.50 12.40 -29.33
CA LEU A 423 8.21 13.67 -28.65
C LEU A 423 9.42 14.60 -28.76
N PRO A 424 9.16 15.87 -29.10
CA PRO A 424 10.29 16.83 -29.15
C PRO A 424 11.02 16.94 -27.80
N GLU A 425 10.27 16.63 -26.71
CA GLU A 425 10.76 16.71 -25.34
C GLU A 425 11.31 15.42 -24.79
N ALA A 426 11.59 14.42 -25.65
CA ALA A 426 12.03 13.14 -25.18
C ALA A 426 13.24 13.17 -24.25
N HIS A 427 14.26 13.98 -24.61
CA HIS A 427 15.40 14.12 -23.78
C HIS A 427 15.06 14.69 -22.32
N ALA A 428 14.24 15.74 -22.35
CA ALA A 428 13.77 16.33 -21.08
C ALA A 428 13.08 15.25 -20.27
N VAL A 429 12.28 14.36 -20.84
CA VAL A 429 11.55 13.33 -20.06
C VAL A 429 12.62 12.39 -19.47
N ALA A 430 13.67 11.96 -20.23
CA ALA A 430 14.66 11.09 -19.74
C ALA A 430 15.40 11.80 -18.57
N LEU A 431 15.68 13.10 -18.78
CA LEU A 431 16.37 13.82 -17.71
C LEU A 431 15.48 13.93 -16.44
N ALA A 432 14.21 14.21 -16.61
CA ALA A 432 13.33 14.27 -15.44
C ALA A 432 13.33 12.94 -14.70
N ARG A 433 13.33 11.80 -15.43
CA ARG A 433 13.34 10.49 -14.79
C ARG A 433 14.65 10.29 -14.03
N ARG A 434 15.77 10.97 -14.38
CA ARG A 434 17.02 10.79 -13.59
C ARG A 434 16.93 11.34 -12.18
N GLY A 435 15.83 12.10 -11.89
CA GLY A 435 15.60 12.42 -10.45
C GLY A 435 15.17 11.21 -9.58
N GLN A 436 14.99 10.07 -10.21
CA GLN A 436 14.73 8.79 -9.47
C GLN A 436 13.39 8.81 -8.74
N GLY A 437 12.43 9.57 -9.32
CA GLY A 437 11.01 9.50 -8.82
C GLY A 437 10.73 10.77 -8.06
N SER A 438 9.69 11.48 -8.52
CA SER A 438 9.39 12.83 -7.97
C SER A 438 7.94 13.07 -7.65
N LEU A 439 7.65 14.03 -6.77
CA LEU A 439 6.25 14.42 -6.51
C LEU A 439 5.58 14.98 -7.75
N VAL A 440 6.27 15.85 -8.46
CA VAL A 440 5.61 16.64 -9.51
C VAL A 440 6.57 16.95 -10.60
N ALA A 441 6.06 16.93 -11.87
CA ALA A 441 6.69 17.65 -12.95
C ALA A 441 5.71 18.60 -13.55
N SER A 442 6.12 19.79 -13.98
CA SER A 442 5.25 20.68 -14.73
C SER A 442 5.79 20.76 -16.16
N ILE A 443 4.89 20.98 -17.11
CA ILE A 443 5.20 21.08 -18.59
C ILE A 443 4.48 22.34 -19.08
N TYR A 444 5.18 22.95 -20.05
CA TYR A 444 4.70 24.34 -20.52
C TYR A 444 4.72 24.37 -22.03
N SER A 445 3.53 24.62 -22.63
CA SER A 445 3.43 24.65 -24.11
C SER A 445 2.30 25.61 -24.40
N ASN A 446 2.36 26.05 -25.70
CA ASN A 446 1.24 26.81 -26.32
C ASN A 446 0.23 25.86 -26.84
N ASP A 447 0.53 24.58 -26.95
CA ASP A 447 -0.36 23.58 -27.72
C ASP A 447 -1.04 22.63 -26.70
N ASP A 448 -2.31 22.84 -26.41
CA ASP A 448 -2.94 22.00 -25.36
C ASP A 448 -3.00 20.54 -25.78
N ALA A 449 -3.14 20.26 -27.07
CA ALA A 449 -3.20 18.79 -27.39
C ALA A 449 -1.88 18.11 -27.01
N HIS A 450 -0.78 18.83 -27.33
CA HIS A 450 0.54 18.26 -27.14
C HIS A 450 0.79 17.87 -25.70
N LEU A 451 0.20 18.65 -24.79
CA LEU A 451 0.45 18.46 -23.36
C LEU A 451 -0.09 17.10 -22.85
N GLY A 452 -1.25 16.60 -23.35
CA GLY A 452 -1.81 15.38 -22.81
C GLY A 452 -0.89 14.23 -23.15
N ARG A 453 -0.29 14.23 -24.35
CA ARG A 453 0.66 13.20 -24.68
C ARG A 453 2.03 13.14 -23.87
N LEU A 454 2.64 14.30 -23.76
CA LEU A 454 3.81 14.42 -23.00
C LEU A 454 3.56 14.02 -21.45
N ALA A 455 2.43 14.45 -20.93
CA ALA A 455 2.12 14.15 -19.51
C ALA A 455 2.16 12.63 -19.30
N LEU A 456 1.60 11.83 -20.25
CA LEU A 456 1.66 10.38 -20.04
C LEU A 456 3.03 9.80 -19.97
N GLU A 457 3.99 10.43 -20.71
CA GLU A 457 5.31 9.96 -20.66
C GLU A 457 6.07 10.21 -19.31
N LEU A 458 5.53 11.17 -18.54
CA LEU A 458 6.13 11.55 -17.22
C LEU A 458 5.43 10.76 -16.11
N ALA A 459 4.24 10.23 -16.34
CA ALA A 459 3.34 9.72 -15.23
C ALA A 459 3.90 8.55 -14.53
N ASP A 460 4.76 7.71 -15.05
CA ASP A 460 5.17 6.60 -14.27
C ASP A 460 6.31 6.94 -13.33
N SER A 461 6.84 8.16 -13.42
CA SER A 461 7.94 8.57 -12.52
C SER A 461 7.53 9.81 -11.65
N HIS A 462 6.33 10.34 -11.83
CA HIS A 462 5.91 11.56 -11.11
C HIS A 462 4.50 11.29 -10.61
N GLY A 463 4.26 11.64 -9.31
CA GLY A 463 2.93 11.45 -8.75
C GLY A 463 1.89 12.46 -9.26
N ARG A 464 2.38 13.56 -9.86
CA ARG A 464 1.48 14.57 -10.43
C ARG A 464 2.22 15.16 -11.62
N VAL A 465 1.48 15.43 -12.68
CA VAL A 465 2.02 16.11 -13.88
C VAL A 465 1.11 17.31 -14.11
N HIS A 466 1.71 18.50 -14.08
CA HIS A 466 0.97 19.80 -14.00
C HIS A 466 1.27 20.58 -15.27
N ALA A 467 0.26 20.66 -16.16
CA ALA A 467 0.52 21.27 -17.52
C ALA A 467 -0.06 22.70 -17.52
N ILE A 468 0.86 23.61 -17.80
CA ILE A 468 0.54 25.07 -17.91
C ILE A 468 0.64 25.57 -19.40
N SER A 469 -0.45 26.20 -19.82
CA SER A 469 -0.56 26.67 -21.19
C SER A 469 -1.47 27.91 -21.15
N PRO A 470 -1.40 28.68 -22.29
CA PRO A 470 -2.18 29.90 -22.26
C PRO A 470 -3.67 29.81 -21.93
N SER A 471 -4.30 28.73 -22.39
CA SER A 471 -5.71 28.66 -22.10
C SER A 471 -6.08 28.52 -20.62
N VAL A 472 -5.07 28.16 -19.79
CA VAL A 472 -5.26 28.03 -18.36
C VAL A 472 -4.35 29.01 -17.60
N GLN A 473 -3.94 30.10 -18.25
CA GLN A 473 -3.10 31.06 -17.54
C GLN A 473 -3.76 31.62 -16.27
N HIS A 474 -5.07 31.77 -16.31
CA HIS A 474 -5.79 32.35 -15.22
C HIS A 474 -6.44 31.28 -14.28
N SER A 475 -6.36 30.01 -14.65
CA SER A 475 -7.07 28.94 -13.89
C SER A 475 -6.15 27.82 -13.34
N GLN A 476 -4.97 27.71 -13.93
CA GLN A 476 -4.06 26.62 -13.50
C GLN A 476 -3.69 26.90 -12.03
N THR A 477 -3.64 25.79 -11.24
CA THR A 477 -3.63 25.92 -9.77
C THR A 477 -2.24 25.94 -9.15
N GLY A 478 -1.21 25.94 -9.99
CA GLY A 478 0.18 26.12 -9.53
C GLY A 478 0.96 24.83 -9.53
N HIS A 479 2.23 24.88 -9.99
CA HIS A 479 3.10 23.69 -9.96
C HIS A 479 3.14 23.10 -8.55
N GLY A 480 3.41 23.92 -7.52
CA GLY A 480 3.71 23.38 -6.18
C GLY A 480 2.55 23.30 -5.28
N ASN A 481 1.41 23.92 -5.67
CA ASN A 481 0.25 23.94 -4.80
CA ASN A 481 0.26 23.95 -4.77
C ASN A 481 -0.50 22.67 -4.85
N VAL A 482 -0.72 22.03 -3.70
CA VAL A 482 -1.34 20.69 -3.68
C VAL A 482 -2.85 20.87 -3.54
N MET A 483 -3.53 20.55 -4.61
CA MET A 483 -4.99 20.52 -4.56
C MET A 483 -5.49 19.21 -3.89
N PRO A 484 -6.41 19.28 -2.92
CA PRO A 484 -6.74 18.07 -2.14
C PRO A 484 -7.50 16.96 -2.91
N MET A 485 -8.11 17.37 -4.01
CA MET A 485 -8.81 16.40 -4.87
C MET A 485 -7.85 15.61 -5.72
N SER A 486 -6.53 16.03 -5.74
CA SER A 486 -5.53 15.36 -6.64
C SER A 486 -4.57 14.64 -5.72
N LEU A 487 -4.02 13.54 -6.23
CA LEU A 487 -3.01 12.78 -5.51
C LEU A 487 -1.80 13.61 -5.18
N HIS A 488 -1.22 13.34 -4.01
CA HIS A 488 0.05 13.94 -3.57
C HIS A 488 1.01 12.84 -3.15
N GLY A 489 2.17 12.77 -3.72
CA GLY A 489 3.06 11.62 -3.45
C GLY A 489 3.87 11.38 -4.67
N GLY A 490 4.75 10.43 -4.59
CA GLY A 490 5.51 10.05 -5.79
C GLY A 490 6.36 8.81 -5.51
N PRO A 491 6.75 8.14 -6.60
CA PRO A 491 7.57 6.94 -6.46
C PRO A 491 9.01 7.24 -6.14
N GLY A 492 9.73 6.17 -5.83
CA GLY A 492 11.17 6.31 -5.72
C GLY A 492 11.61 7.24 -4.63
N ARG A 493 12.49 8.18 -4.95
CA ARG A 493 13.04 9.13 -3.95
C ARG A 493 11.94 9.90 -3.24
N ALA A 494 10.82 10.18 -3.89
CA ALA A 494 9.75 10.92 -3.19
C ALA A 494 8.97 10.11 -2.16
N GLY A 495 9.26 8.80 -2.03
CA GLY A 495 8.84 8.02 -0.84
C GLY A 495 7.95 6.84 -1.24
N GLY A 496 7.37 6.74 -2.41
CA GLY A 496 6.46 5.64 -2.68
C GLY A 496 5.13 5.78 -2.02
N GLY A 497 4.83 6.96 -1.60
CA GLY A 497 3.59 7.19 -0.81
C GLY A 497 2.46 7.86 -1.62
N GLU A 498 1.26 7.81 -1.08
CA GLU A 498 0.10 8.46 -1.65
C GLU A 498 -0.68 9.11 -0.59
N GLU A 499 -1.13 10.32 -0.82
CA GLU A 499 -1.99 11.09 0.09
C GLU A 499 -3.00 11.82 -0.77
N LEU A 500 -4.06 12.31 -0.12
CA LEU A 500 -5.08 13.18 -0.78
C LEU A 500 -5.64 12.44 -2.00
N GLY A 501 -5.86 13.10 -3.12
CA GLY A 501 -6.64 12.47 -4.20
C GLY A 501 -8.09 12.29 -3.83
N GLY A 502 -8.64 13.23 -3.03
CA GLY A 502 -10.13 13.13 -2.68
C GLY A 502 -10.43 11.85 -1.96
N LEU A 503 -11.39 11.09 -2.49
CA LEU A 503 -11.80 9.84 -1.88
C LEU A 503 -10.69 8.79 -1.73
N ARG A 504 -9.68 8.95 -2.61
CA ARG A 504 -8.58 7.94 -2.58
C ARG A 504 -7.84 7.92 -1.24
N ALA A 505 -7.89 9.02 -0.50
CA ALA A 505 -7.20 9.12 0.80
C ALA A 505 -7.83 8.23 1.86
N LEU A 506 -9.05 7.76 1.63
CA LEU A 506 -9.70 6.96 2.70
C LEU A 506 -9.13 5.59 2.80
N ALA A 507 -8.61 5.02 1.74
CA ALA A 507 -8.21 3.58 1.81
C ALA A 507 -7.11 3.34 2.87
N PHE A 508 -6.16 4.29 3.01
CA PHE A 508 -5.10 4.14 3.96
C PHE A 508 -5.61 3.94 5.40
N TYR A 509 -6.79 4.52 5.73
CA TYR A 509 -7.37 4.42 7.05
C TYR A 509 -8.33 3.28 7.26
N HIS A 510 -8.58 2.53 6.19
CA HIS A 510 -9.63 1.46 6.19
C HIS A 510 -9.03 0.10 5.97
N ARG A 511 -9.78 -0.90 6.31
CA ARG A 511 -9.51 -2.31 6.02
C ARG A 511 -10.56 -2.77 5.01
N ARG A 512 -10.06 -3.25 3.92
CA ARG A 512 -10.92 -3.80 2.87
C ARG A 512 -11.23 -5.28 3.11
N SER A 513 -12.47 -5.64 2.88
CA SER A 513 -12.88 -7.07 3.02
C SER A 513 -13.80 -7.45 1.89
N ALA A 514 -13.67 -8.65 1.39
CA ALA A 514 -14.63 -9.30 0.50
C ALA A 514 -15.66 -10.10 1.26
N ILE A 515 -16.94 -9.74 1.13
CA ILE A 515 -17.97 -10.53 1.78
C ILE A 515 -18.65 -11.34 0.71
N GLN A 516 -18.57 -12.65 0.87
CA GLN A 516 -19.22 -13.58 -0.08
C GLN A 516 -20.37 -14.30 0.63
N ALA A 517 -21.57 -14.15 0.00
CA ALA A 517 -22.76 -14.56 0.77
C ALA A 517 -23.94 -14.70 -0.18
N ALA A 518 -25.03 -15.27 0.42
CA ALA A 518 -26.34 -15.32 -0.31
C ALA A 518 -26.77 -13.88 -0.68
N SER A 519 -27.54 -13.75 -1.79
CA SER A 519 -28.14 -12.50 -2.18
C SER A 519 -28.77 -11.74 -1.01
N ALA A 520 -29.57 -12.36 -0.17
CA ALA A 520 -30.25 -11.57 0.81
C ALA A 520 -29.25 -11.02 1.82
N ALA A 521 -28.17 -11.77 2.08
CA ALA A 521 -27.11 -11.28 3.03
C ALA A 521 -26.35 -10.07 2.43
N ILE A 522 -26.09 -10.16 1.14
CA ILE A 522 -25.46 -9.02 0.45
C ILE A 522 -26.37 -7.81 0.51
N GLY A 523 -27.69 -8.06 0.37
CA GLY A 523 -28.65 -6.90 0.47
C GLY A 523 -28.61 -6.35 1.85
N THR A 524 -28.60 -7.13 2.95
CA THR A 524 -28.59 -6.50 4.23
C THR A 524 -27.28 -5.84 4.51
N LEU A 525 -26.17 -6.38 4.01
CA LEU A 525 -25.00 -5.64 4.29
C LEU A 525 -24.84 -4.36 3.47
N THR A 526 -25.41 -4.28 2.26
CA THR A 526 -25.53 -3.15 1.46
C THR A 526 -26.31 -1.98 2.07
N GLN A 527 -27.41 -2.25 2.76
CA GLN A 527 -28.23 -1.24 3.40
C GLN A 527 -27.49 -0.46 4.44
N ALA A 528 -26.33 -0.97 4.88
CA ALA A 528 -25.51 -0.42 5.94
C ALA A 528 -24.19 0.26 5.42
N THR A 529 -24.11 0.37 4.09
CA THR A 529 -22.94 0.96 3.45
C THR A 529 -23.36 2.05 2.50
N HIS A 530 -22.40 2.82 2.01
CA HIS A 530 -22.66 3.90 1.04
C HIS A 530 -21.39 4.17 0.25
N TRP A 531 -21.49 4.72 -0.93
CA TRP A 531 -20.36 5.31 -1.64
C TRP A 531 -20.96 6.40 -2.47
N PRO A 532 -20.25 7.53 -2.63
CA PRO A 532 -20.90 8.62 -3.37
C PRO A 532 -21.08 8.18 -4.86
N ALA A 533 -22.10 8.80 -5.52
CA ALA A 533 -22.30 8.63 -6.95
C ALA A 533 -21.10 9.05 -7.78
N ALA A 534 -20.79 8.32 -8.82
CA ALA A 534 -19.68 8.67 -9.72
C ALA A 534 -20.05 9.91 -10.51
N HIS B 3 21.73 -41.64 -11.16
CA HIS B 3 23.00 -41.24 -11.55
C HIS B 3 22.45 -40.60 -12.71
N MET B 4 21.73 -39.48 -12.58
CA MET B 4 21.07 -38.81 -11.46
C MET B 4 19.71 -38.38 -12.01
N THR B 5 18.77 -37.99 -11.14
CA THR B 5 17.53 -37.38 -11.61
C THR B 5 17.80 -36.06 -12.36
N GLU B 6 16.83 -35.59 -13.10
CA GLU B 6 17.01 -34.40 -13.90
C GLU B 6 17.26 -33.12 -13.07
N LEU B 7 18.31 -32.41 -13.40
CA LEU B 7 18.50 -31.03 -12.84
C LEU B 7 17.71 -30.06 -13.68
N LEU B 8 16.72 -29.47 -13.02
CA LEU B 8 15.91 -28.50 -13.70
C LEU B 8 16.64 -27.16 -13.92
N LYS B 9 16.59 -26.68 -15.13
CA LYS B 9 17.30 -25.40 -15.42
C LYS B 9 16.43 -24.19 -15.01
N ASN B 10 17.14 -23.13 -14.69
CA ASN B 10 16.52 -21.81 -14.49
C ASN B 10 16.34 -21.08 -15.79
N HIS B 11 15.38 -20.19 -15.89
CA HIS B 11 15.21 -19.44 -17.11
C HIS B 11 15.52 -18.00 -16.72
N VAL B 12 16.67 -17.49 -17.09
CA VAL B 12 17.14 -16.14 -16.67
C VAL B 12 17.81 -15.48 -17.88
N ALA B 13 17.56 -14.19 -18.01
CA ALA B 13 18.16 -13.41 -19.11
C ALA B 13 17.82 -14.05 -20.47
N GLY B 14 16.64 -14.64 -20.63
CA GLY B 14 16.19 -15.18 -21.86
C GLY B 14 16.82 -16.50 -22.20
N GLN B 15 17.51 -17.13 -21.24
CA GLN B 15 18.23 -18.41 -21.53
C GLN B 15 17.93 -19.42 -20.47
N TRP B 16 18.06 -20.69 -20.81
CA TRP B 16 17.97 -21.79 -19.83
C TRP B 16 19.34 -22.08 -19.32
N ILE B 17 19.56 -21.95 -18.05
CA ILE B 17 20.85 -22.02 -17.45
C ILE B 17 20.84 -22.93 -16.22
N ALA B 18 21.60 -24.03 -16.17
CA ALA B 18 21.64 -24.78 -14.98
C ALA B 18 22.44 -24.17 -13.86
N GLY B 19 22.01 -24.31 -12.61
CA GLY B 19 22.84 -24.06 -11.43
C GLY B 19 23.94 -25.11 -11.39
N THR B 20 24.96 -24.72 -10.70
CA THR B 20 26.08 -25.68 -10.48
C THR B 20 25.90 -26.51 -9.26
N GLY B 21 26.80 -27.45 -9.07
CA GLY B 21 26.81 -28.35 -7.94
C GLY B 21 25.80 -29.50 -8.09
N ALA B 22 25.62 -30.18 -7.00
CA ALA B 22 24.80 -31.38 -6.98
C ALA B 22 23.30 -31.07 -6.96
N GLY B 23 22.96 -29.86 -6.50
CA GLY B 23 21.56 -29.46 -6.43
C GLY B 23 20.89 -30.06 -5.22
N ILE B 24 19.62 -29.65 -5.07
CA ILE B 24 18.72 -30.09 -4.01
C ILE B 24 17.69 -31.05 -4.64
N THR B 25 17.55 -32.21 -4.04
CA THR B 25 16.60 -33.25 -4.56
C THR B 25 15.18 -33.02 -4.09
N LEU B 26 14.26 -32.99 -5.01
CA LEU B 26 12.81 -33.03 -4.71
C LEU B 26 12.37 -34.47 -4.68
N THR B 27 11.56 -34.85 -3.69
CA THR B 27 11.15 -36.25 -3.51
C THR B 27 9.65 -36.41 -3.46
N ASP B 28 9.14 -37.59 -3.67
CA ASP B 28 7.74 -37.87 -3.54
C ASP B 28 7.41 -38.10 -2.06
N PRO B 29 6.47 -37.33 -1.52
CA PRO B 29 6.26 -37.39 -0.06
C PRO B 29 5.50 -38.61 0.34
N VAL B 30 4.99 -39.45 -0.58
CA VAL B 30 4.34 -40.73 -0.19
C VAL B 30 5.35 -41.88 -0.32
N THR B 31 6.05 -41.91 -1.47
CA THR B 31 6.86 -43.10 -1.82
C THR B 31 8.32 -42.95 -1.45
N GLY B 32 8.81 -41.72 -1.28
CA GLY B 32 10.21 -41.46 -1.01
C GLY B 32 11.07 -41.44 -2.31
N VAL B 33 10.44 -41.56 -3.50
CA VAL B 33 11.27 -41.57 -4.72
C VAL B 33 11.90 -40.24 -5.00
N ALA B 34 13.11 -40.21 -5.50
CA ALA B 34 13.79 -38.97 -5.93
C ALA B 34 13.22 -38.62 -7.26
N LEU B 35 12.78 -37.36 -7.44
CA LEU B 35 12.04 -36.91 -8.64
C LEU B 35 12.94 -36.11 -9.60
N VAL B 36 13.47 -34.99 -9.12
CA VAL B 36 14.23 -34.00 -9.92
C VAL B 36 15.09 -33.23 -8.93
N ARG B 37 16.01 -32.40 -9.42
CA ARG B 37 16.84 -31.53 -8.56
C ARG B 37 16.71 -30.11 -9.04
N VAL B 38 17.00 -29.21 -8.11
CA VAL B 38 17.10 -27.78 -8.47
C VAL B 38 18.44 -27.22 -7.96
N SER B 39 18.85 -26.09 -8.59
CA SER B 39 20.02 -25.32 -8.12
C SER B 39 20.04 -23.95 -8.86
N SER B 40 20.32 -22.92 -7.97
CA SER B 40 20.50 -21.56 -8.48
C SER B 40 21.98 -21.17 -8.37
N GLU B 41 22.82 -22.16 -8.00
CA GLU B 41 24.23 -21.75 -7.77
C GLU B 41 24.95 -21.29 -8.97
N GLY B 42 25.63 -20.14 -8.80
CA GLY B 42 26.42 -19.55 -9.86
C GLY B 42 25.73 -18.68 -10.86
N LEU B 43 24.40 -18.48 -10.72
CA LEU B 43 23.68 -17.66 -11.71
C LEU B 43 24.13 -16.17 -11.65
N ASP B 44 24.14 -15.51 -12.77
CA ASP B 44 24.43 -14.07 -12.77
C ASP B 44 23.11 -13.28 -12.49
N LEU B 45 22.95 -12.99 -11.21
CA LEU B 45 21.64 -12.36 -10.81
C LEU B 45 21.52 -10.94 -11.29
N ALA B 46 22.64 -10.19 -11.37
CA ALA B 46 22.48 -8.83 -11.91
C ALA B 46 22.00 -8.84 -13.29
N ARG B 47 22.56 -9.75 -14.10
CA ARG B 47 22.12 -9.86 -15.44
C ARG B 47 20.64 -10.38 -15.57
N ALA B 48 20.26 -11.34 -14.70
CA ALA B 48 18.88 -11.86 -14.76
C ALA B 48 17.87 -10.73 -14.50
N PHE B 49 18.23 -9.90 -13.49
CA PHE B 49 17.28 -8.81 -13.14
C PHE B 49 17.28 -7.71 -14.15
N SER B 50 18.51 -7.37 -14.62
CA SER B 50 18.55 -6.26 -15.61
C SER B 50 17.88 -6.65 -16.93
N PHE B 51 18.08 -7.89 -17.39
CA PHE B 51 17.41 -8.28 -18.58
C PHE B 51 15.87 -8.27 -18.48
N ALA B 52 15.39 -8.82 -17.34
CA ALA B 52 13.95 -8.78 -17.14
C ALA B 52 13.43 -7.32 -17.13
N ARG B 53 14.14 -6.53 -16.29
CA ARG B 53 13.68 -5.12 -16.06
C ARG B 53 13.66 -4.31 -17.37
N GLU B 54 14.80 -4.42 -18.11
CA GLU B 54 14.99 -3.63 -19.35
C GLU B 54 14.33 -4.26 -20.52
N ASP B 55 14.86 -5.40 -20.93
CA ASP B 55 14.34 -6.02 -22.14
C ASP B 55 12.90 -6.52 -22.00
N GLY B 56 12.62 -7.17 -20.87
CA GLY B 56 11.28 -7.68 -20.60
C GLY B 56 10.21 -6.60 -20.41
N GLY B 57 10.57 -5.62 -19.54
CA GLY B 57 9.58 -4.55 -19.31
C GLY B 57 9.32 -3.72 -20.56
N ALA B 58 10.40 -3.39 -21.28
CA ALA B 58 10.18 -2.57 -22.49
C ALA B 58 9.25 -3.32 -23.54
N ALA B 59 9.51 -4.65 -23.67
CA ALA B 59 8.71 -5.42 -24.55
C ALA B 59 7.24 -5.58 -24.12
N LEU B 60 7.06 -5.76 -22.78
CA LEU B 60 5.65 -5.85 -22.35
C LEU B 60 4.87 -4.51 -22.39
N ARG B 61 5.59 -3.41 -22.06
CA ARG B 61 4.90 -2.14 -22.08
C ARG B 61 4.58 -1.68 -23.49
N ALA B 62 5.37 -2.18 -24.46
CA ALA B 62 5.04 -1.84 -25.88
C ALA B 62 3.72 -2.40 -26.36
N LEU B 63 3.27 -3.49 -25.73
CA LEU B 63 2.00 -4.10 -26.00
C LEU B 63 0.81 -3.39 -25.30
N THR B 64 -0.37 -3.39 -25.84
CA THR B 64 -1.54 -2.87 -25.13
C THR B 64 -2.06 -3.85 -24.06
N TYR B 65 -2.90 -3.38 -23.13
CA TYR B 65 -3.52 -4.32 -22.19
C TYR B 65 -4.23 -5.45 -22.93
N ALA B 66 -5.02 -5.14 -23.98
CA ALA B 66 -5.73 -6.21 -24.67
C ALA B 66 -4.76 -7.13 -25.35
N GLN B 67 -3.65 -6.65 -25.89
CA GLN B 67 -2.69 -7.58 -26.49
C GLN B 67 -2.09 -8.53 -25.44
N ARG B 68 -1.76 -7.97 -24.28
CA ARG B 68 -1.22 -8.87 -23.19
C ARG B 68 -2.30 -9.79 -22.72
N ALA B 69 -3.53 -9.36 -22.65
CA ALA B 69 -4.62 -10.29 -22.31
C ALA B 69 -4.76 -11.46 -23.27
N ALA B 70 -4.54 -11.18 -24.56
CA ALA B 70 -4.65 -12.22 -25.55
C ALA B 70 -3.52 -13.23 -25.36
N ARG B 71 -2.35 -12.74 -25.03
CA ARG B 71 -1.25 -13.69 -24.67
C ARG B 71 -1.65 -14.56 -23.45
N LEU B 72 -2.28 -13.98 -22.42
CA LEU B 72 -2.72 -14.77 -21.30
C LEU B 72 -3.69 -15.83 -21.77
N ALA B 73 -4.60 -15.48 -22.69
CA ALA B 73 -5.56 -16.48 -23.12
C ALA B 73 -4.88 -17.60 -23.89
N ASP B 74 -3.76 -17.29 -24.58
CA ASP B 74 -3.01 -18.39 -25.28
C ASP B 74 -2.34 -19.27 -24.24
N ILE B 75 -1.83 -18.67 -23.14
CA ILE B 75 -1.25 -19.49 -22.06
C ILE B 75 -2.32 -20.41 -21.49
N VAL B 76 -3.53 -19.92 -21.27
CA VAL B 76 -4.59 -20.78 -20.76
C VAL B 76 -4.75 -22.02 -21.60
N LYS B 77 -4.83 -21.81 -22.92
CA LYS B 77 -5.07 -22.95 -23.85
C LYS B 77 -3.89 -23.94 -23.74
N LEU B 78 -2.65 -23.44 -23.70
CA LEU B 78 -1.47 -24.30 -23.58
C LEU B 78 -1.52 -25.08 -22.29
N LEU B 79 -1.77 -24.43 -21.16
CA LEU B 79 -1.76 -25.16 -19.89
C LEU B 79 -2.90 -26.16 -19.84
N GLN B 80 -4.07 -25.77 -20.40
CA GLN B 80 -5.19 -26.78 -20.51
C GLN B 80 -4.72 -28.01 -21.28
N ALA B 81 -4.01 -27.80 -22.39
CA ALA B 81 -3.60 -28.99 -23.20
C ALA B 81 -2.61 -29.86 -22.49
N LYS B 82 -1.85 -29.32 -21.55
CA LYS B 82 -0.77 -30.05 -20.84
C LYS B 82 -1.18 -30.54 -19.44
N ARG B 83 -2.46 -30.51 -19.12
CA ARG B 83 -2.90 -30.89 -17.79
C ARG B 83 -2.51 -32.29 -17.40
N GLY B 84 -2.52 -33.22 -18.31
CA GLY B 84 -2.12 -34.60 -17.88
C GLY B 84 -0.70 -34.63 -17.34
N ASP B 85 0.21 -33.87 -17.91
CA ASP B 85 1.57 -33.85 -17.44
C ASP B 85 1.58 -33.22 -16.04
N TYR B 86 0.81 -32.15 -15.86
CA TYR B 86 0.80 -31.46 -14.58
C TYR B 86 0.20 -32.27 -13.44
N TYR B 87 -0.87 -33.05 -13.70
CA TYR B 87 -1.44 -33.94 -12.68
C TYR B 87 -0.43 -35.02 -12.32
N ALA B 88 0.33 -35.57 -13.27
CA ALA B 88 1.33 -36.57 -12.89
C ALA B 88 2.39 -35.95 -11.98
N ILE B 89 2.85 -34.72 -12.31
CA ILE B 89 3.83 -34.08 -11.43
C ILE B 89 3.23 -33.82 -10.03
N ALA B 90 1.98 -33.37 -9.96
CA ALA B 90 1.39 -33.04 -8.69
C ALA B 90 1.25 -34.33 -7.86
N THR B 91 0.80 -35.45 -8.44
CA THR B 91 0.64 -36.65 -7.64
C THR B 91 2.00 -37.03 -7.04
N ALA B 92 3.09 -37.00 -7.81
CA ALA B 92 4.35 -37.45 -7.34
C ALA B 92 4.98 -36.45 -6.39
N ASN B 93 4.97 -35.16 -6.75
CA ASN B 93 5.75 -34.21 -5.94
C ASN B 93 4.96 -33.69 -4.70
N SER B 94 3.62 -33.66 -4.81
CA SER B 94 2.87 -33.08 -3.70
C SER B 94 2.13 -34.16 -2.96
N GLY B 95 1.94 -35.39 -3.49
CA GLY B 95 1.18 -36.38 -2.72
C GLY B 95 -0.30 -36.12 -2.57
N THR B 96 -0.88 -35.30 -3.41
CA THR B 96 -2.30 -34.92 -3.35
C THR B 96 -3.17 -35.78 -4.20
N THR B 97 -4.39 -36.04 -3.72
CA THR B 97 -5.47 -36.66 -4.54
C THR B 97 -5.74 -35.86 -5.78
N ARG B 98 -6.31 -36.51 -6.79
CA ARG B 98 -6.70 -35.76 -7.99
C ARG B 98 -7.54 -34.54 -7.73
N ASN B 99 -8.49 -34.70 -6.87
CA ASN B 99 -9.35 -33.57 -6.61
C ASN B 99 -8.59 -32.44 -5.92
N ASP B 100 -7.64 -32.79 -5.05
CA ASP B 100 -6.83 -31.78 -4.34
C ASP B 100 -5.81 -31.18 -5.28
N SER B 101 -5.20 -31.96 -6.18
CA SER B 101 -4.33 -31.37 -7.17
C SER B 101 -5.05 -30.37 -8.05
N ALA B 102 -6.31 -30.62 -8.34
CA ALA B 102 -7.07 -29.67 -9.14
C ALA B 102 -7.17 -28.31 -8.55
N VAL B 103 -7.20 -28.17 -7.25
CA VAL B 103 -7.29 -26.86 -6.58
C VAL B 103 -6.06 -26.01 -7.06
N ASP B 104 -4.88 -26.63 -7.18
CA ASP B 104 -3.70 -25.94 -7.58
C ASP B 104 -3.64 -25.77 -9.10
N ILE B 105 -3.79 -26.89 -9.84
CA ILE B 105 -3.64 -26.84 -11.33
C ILE B 105 -4.78 -26.10 -11.96
N ASP B 106 -5.99 -26.60 -11.76
CA ASP B 106 -7.15 -25.98 -12.40
C ASP B 106 -7.48 -24.69 -11.68
N GLY B 107 -7.27 -24.49 -10.37
CA GLY B 107 -7.40 -23.14 -9.82
C GLY B 107 -6.47 -22.13 -10.45
N GLY B 108 -5.23 -22.50 -10.74
CA GLY B 108 -4.32 -21.64 -11.41
C GLY B 108 -4.80 -21.20 -12.77
N ILE B 109 -5.21 -22.21 -13.56
CA ILE B 109 -5.67 -21.97 -14.95
C ILE B 109 -6.95 -21.11 -14.93
N PHE B 110 -7.91 -21.39 -14.07
CA PHE B 110 -9.10 -20.61 -13.96
C PHE B 110 -8.78 -19.17 -13.61
N THR B 111 -7.87 -18.94 -12.66
CA THR B 111 -7.52 -17.56 -12.29
C THR B 111 -6.82 -16.81 -13.45
N LEU B 112 -5.94 -17.53 -14.18
CA LEU B 112 -5.30 -16.89 -15.33
C LEU B 112 -6.35 -16.57 -16.38
N SER B 113 -7.30 -17.49 -16.63
CA SER B 113 -8.35 -17.22 -17.63
C SER B 113 -9.24 -16.05 -17.20
N TYR B 114 -9.54 -15.92 -15.91
CA TYR B 114 -10.36 -14.78 -15.45
C TYR B 114 -9.67 -13.50 -15.74
N TYR B 115 -8.37 -13.41 -15.52
CA TYR B 115 -7.63 -12.16 -15.83
C TYR B 115 -7.48 -11.96 -17.34
N ALA B 116 -7.38 -13.02 -18.11
CA ALA B 116 -7.32 -12.89 -19.59
C ALA B 116 -8.67 -12.26 -20.04
N LYS B 117 -9.79 -12.68 -19.53
CA LYS B 117 -11.07 -12.10 -19.91
C LYS B 117 -11.23 -10.70 -19.37
N LEU B 118 -10.83 -10.40 -18.14
CA LEU B 118 -10.96 -9.03 -17.63
C LEU B 118 -10.07 -8.10 -18.46
N GLY B 119 -8.88 -8.57 -18.79
CA GLY B 119 -7.91 -7.84 -19.60
C GLY B 119 -8.34 -7.46 -20.99
N ALA B 120 -9.11 -8.34 -21.64
CA ALA B 120 -9.56 -7.98 -23.00
C ALA B 120 -10.45 -6.71 -22.91
N SER B 121 -11.15 -6.50 -21.81
CA SER B 121 -12.09 -5.34 -21.65
C SER B 121 -11.30 -4.05 -21.51
N LEU B 122 -9.99 -4.11 -21.26
CA LEU B 122 -9.27 -2.87 -20.91
C LEU B 122 -8.84 -2.14 -22.18
N GLY B 123 -8.85 -2.83 -23.31
CA GLY B 123 -8.62 -2.17 -24.60
C GLY B 123 -7.26 -1.94 -25.09
N GLU B 124 -7.16 -1.25 -26.22
CA GLU B 124 -5.99 -1.07 -26.91
C GLU B 124 -5.27 0.19 -26.49
N VAL B 125 -4.89 0.20 -25.21
CA VAL B 125 -4.29 1.39 -24.65
C VAL B 125 -3.05 0.93 -23.83
N HIS B 126 -2.26 1.89 -23.37
CA HIS B 126 -1.01 1.62 -22.62
C HIS B 126 -1.06 2.16 -21.20
N ALA B 127 -2.10 2.86 -20.81
CA ALA B 127 -2.27 3.32 -19.41
C ALA B 127 -3.74 3.36 -19.16
N LEU B 128 -4.13 3.23 -17.90
CA LEU B 128 -5.53 3.17 -17.51
C LEU B 128 -5.98 4.44 -16.82
N ARG B 129 -7.27 4.80 -16.99
CA ARG B 129 -7.80 5.95 -16.22
C ARG B 129 -8.22 5.43 -14.84
N ASP B 130 -7.97 6.23 -13.84
CA ASP B 130 -8.42 5.94 -12.49
C ASP B 130 -9.43 6.97 -12.15
N GLY B 131 -10.71 6.55 -12.18
CA GLY B 131 -11.78 7.51 -11.90
C GLY B 131 -12.06 8.50 -13.02
N SER B 132 -12.93 9.42 -12.72
CA SER B 132 -13.42 10.30 -13.75
C SER B 132 -12.56 11.57 -13.69
N ALA B 133 -12.65 12.39 -14.71
CA ALA B 133 -12.05 13.73 -14.70
C ALA B 133 -12.84 14.62 -13.75
N GLU B 134 -12.16 15.59 -13.16
CA GLU B 134 -12.74 16.47 -12.20
C GLU B 134 -12.29 17.89 -12.55
N SER B 135 -13.14 18.88 -12.50
CA SER B 135 -12.75 20.27 -12.73
C SER B 135 -12.00 20.77 -11.56
N LEU B 136 -10.99 21.58 -11.88
CA LEU B 136 -10.19 22.33 -10.91
C LEU B 136 -10.38 23.83 -11.06
N SER B 137 -11.40 24.29 -11.78
CA SER B 137 -11.63 25.72 -12.02
C SER B 137 -13.14 26.00 -12.17
N LYS B 138 -13.58 27.16 -11.69
CA LYS B 138 -14.99 27.55 -11.95
C LYS B 138 -15.40 27.47 -13.43
N ASP B 139 -14.53 27.90 -14.32
CA ASP B 139 -14.90 27.91 -15.77
C ASP B 139 -14.64 26.65 -16.49
N ARG B 140 -14.19 25.62 -15.74
CA ARG B 140 -13.87 24.26 -16.31
C ARG B 140 -12.80 24.24 -17.36
N SER B 141 -11.96 25.27 -17.38
CA SER B 141 -10.85 25.34 -18.30
C SER B 141 -9.66 24.45 -17.86
N PHE B 142 -9.56 24.24 -16.52
CA PHE B 142 -8.41 23.40 -16.01
C PHE B 142 -9.05 22.28 -15.22
N SER B 143 -8.61 21.03 -15.53
CA SER B 143 -9.19 19.80 -14.93
C SER B 143 -8.13 18.81 -14.59
N ALA B 144 -8.52 17.76 -13.89
CA ALA B 144 -7.56 16.69 -13.48
C ALA B 144 -8.09 15.35 -13.81
N GLN B 145 -7.26 14.44 -14.24
CA GLN B 145 -7.59 13.05 -14.46
C GLN B 145 -6.45 12.22 -13.83
N HIS B 146 -6.78 11.26 -13.03
CA HIS B 146 -5.75 10.32 -12.57
C HIS B 146 -5.56 9.17 -13.51
N VAL B 147 -4.32 8.70 -13.66
CA VAL B 147 -3.98 7.60 -14.52
C VAL B 147 -3.13 6.56 -13.77
N LEU B 148 -3.12 5.35 -14.25
CA LEU B 148 -2.24 4.24 -13.77
C LEU B 148 -1.36 3.85 -14.90
N SER B 149 -0.02 3.82 -14.63
CA SER B 149 0.92 3.45 -15.68
C SER B 149 1.75 2.26 -15.14
N PRO B 150 2.12 1.30 -15.96
CA PRO B 150 2.93 0.18 -15.47
C PRO B 150 4.18 0.65 -14.75
N THR B 151 4.54 0.04 -13.66
CA THR B 151 5.79 0.38 -13.04
C THR B 151 6.97 -0.10 -13.87
N ARG B 152 8.02 0.70 -13.95
CA ARG B 152 9.22 0.31 -14.74
C ARG B 152 10.17 -0.46 -13.89
N GLY B 153 9.69 -1.65 -13.47
CA GLY B 153 10.46 -2.54 -12.65
C GLY B 153 10.11 -4.00 -13.03
N VAL B 154 10.54 -4.86 -12.09
CA VAL B 154 10.23 -6.29 -12.21
C VAL B 154 9.38 -6.72 -11.00
N ALA B 155 8.64 -7.81 -11.17
CA ALA B 155 7.86 -8.37 -10.06
C ALA B 155 8.52 -9.65 -9.66
N LEU B 156 8.99 -9.73 -8.45
CA LEU B 156 9.62 -10.94 -7.90
C LEU B 156 8.65 -11.65 -6.97
N PHE B 157 8.38 -12.90 -7.26
CA PHE B 157 7.41 -13.65 -6.49
C PHE B 157 8.14 -14.71 -5.73
N ILE B 158 8.08 -14.70 -4.43
CA ILE B 158 8.69 -15.74 -3.56
C ILE B 158 7.53 -16.50 -2.96
N ASN B 159 7.30 -17.71 -3.47
CA ASN B 159 5.99 -18.39 -3.30
C ASN B 159 6.14 -19.55 -2.37
N ALA B 160 5.00 -19.93 -1.82
CA ALA B 160 4.94 -20.95 -0.82
C ALA B 160 4.79 -22.41 -1.41
N PHE B 161 5.10 -23.42 -0.60
CA PHE B 161 5.16 -24.76 -1.14
C PHE B 161 3.80 -25.34 -1.52
N ASN B 162 2.73 -24.77 -0.98
CA ASN B 162 1.49 -25.52 -1.08
C ASN B 162 0.83 -25.34 -2.45
N PHE B 163 1.09 -24.24 -3.16
CA PHE B 163 0.44 -23.99 -4.43
C PHE B 163 1.44 -23.58 -5.52
N PRO B 164 2.22 -24.57 -5.98
CA PRO B 164 3.19 -24.24 -7.06
C PRO B 164 2.58 -23.68 -8.31
N SER B 165 1.42 -24.11 -8.72
CA SER B 165 0.75 -23.57 -9.89
C SER B 165 -0.06 -22.31 -9.56
N TRP B 166 -1.00 -22.43 -8.62
CA TRP B 166 -1.90 -21.23 -8.38
C TRP B 166 -1.06 -20.10 -7.84
N GLY B 167 -0.05 -20.35 -6.99
CA GLY B 167 0.73 -19.22 -6.48
C GLY B 167 1.43 -18.46 -7.58
N LEU B 168 1.91 -19.20 -8.58
CA LEU B 168 2.44 -18.56 -9.78
C LEU B 168 1.39 -17.73 -10.48
N TRP B 169 0.26 -18.37 -10.88
CA TRP B 169 -0.64 -17.68 -11.82
C TRP B 169 -1.49 -16.64 -11.18
N GLU B 170 -1.85 -16.78 -9.85
CA GLU B 170 -2.64 -15.73 -9.17
C GLU B 170 -1.85 -14.43 -9.13
N LYS B 171 -0.54 -14.49 -9.09
CA LYS B 171 0.28 -13.27 -9.12
C LYS B 171 0.69 -12.86 -10.53
N ALA B 172 1.11 -13.82 -11.35
CA ALA B 172 1.59 -13.54 -12.67
C ALA B 172 0.50 -13.01 -13.57
N ALA B 173 -0.72 -13.45 -13.41
CA ALA B 173 -1.78 -12.94 -14.31
C ALA B 173 -1.98 -11.45 -14.18
N PRO B 174 -2.17 -10.87 -13.01
CA PRO B 174 -2.29 -9.42 -12.98
C PRO B 174 -0.95 -8.72 -13.27
N ALA B 175 0.20 -9.32 -12.92
CA ALA B 175 1.48 -8.68 -13.21
C ALA B 175 1.67 -8.52 -14.73
N LEU B 176 1.55 -9.65 -15.48
CA LEU B 176 1.74 -9.59 -16.91
C LEU B 176 0.65 -8.77 -17.55
N LEU B 177 -0.59 -8.86 -17.10
CA LEU B 177 -1.61 -7.93 -17.66
C LEU B 177 -1.21 -6.52 -17.46
N SER B 178 -0.56 -6.19 -16.35
CA SER B 178 -0.14 -4.81 -16.04
C SER B 178 1.14 -4.36 -16.82
N GLY B 179 1.75 -5.36 -17.51
CA GLY B 179 2.92 -5.04 -18.32
C GLY B 179 4.19 -5.09 -17.53
N VAL B 180 4.20 -5.85 -16.41
CA VAL B 180 5.38 -5.96 -15.54
C VAL B 180 6.00 -7.38 -15.66
N PRO B 181 7.30 -7.44 -15.99
CA PRO B 181 7.94 -8.76 -16.15
C PRO B 181 8.02 -9.48 -14.78
N VAL B 182 7.94 -10.80 -14.90
CA VAL B 182 7.84 -11.63 -13.71
C VAL B 182 9.12 -12.45 -13.49
N ILE B 183 9.62 -12.55 -12.29
CA ILE B 183 10.69 -13.49 -11.89
C ILE B 183 10.02 -14.28 -10.76
N VAL B 184 9.82 -15.61 -11.00
CA VAL B 184 9.20 -16.45 -9.92
C VAL B 184 10.28 -17.26 -9.28
N LYS B 185 10.18 -17.39 -7.97
CA LYS B 185 11.02 -18.22 -7.15
C LYS B 185 10.11 -19.11 -6.33
N PRO B 186 9.82 -20.30 -6.84
CA PRO B 186 8.89 -21.20 -6.07
C PRO B 186 9.61 -21.86 -4.92
N ALA B 187 8.89 -22.26 -3.88
CA ALA B 187 9.48 -23.01 -2.82
C ALA B 187 10.15 -24.29 -3.36
N THR B 188 11.36 -24.57 -2.82
CA THR B 188 12.15 -25.69 -3.40
C THR B 188 11.38 -27.02 -3.37
N ALA B 189 10.75 -27.38 -2.26
CA ALA B 189 10.31 -28.77 -2.16
C ALA B 189 9.33 -29.19 -3.23
N THR B 190 8.54 -28.24 -3.72
CA THR B 190 7.49 -28.47 -4.72
C THR B 190 7.67 -27.66 -5.98
N ALA B 191 8.93 -27.25 -6.25
CA ALA B 191 9.15 -26.38 -7.39
C ALA B 191 8.89 -26.96 -8.73
N TRP B 192 8.84 -28.28 -8.82
CA TRP B 192 8.85 -28.88 -10.18
C TRP B 192 7.68 -28.41 -11.05
N LEU B 193 6.45 -28.41 -10.51
CA LEU B 193 5.35 -28.01 -11.36
C LEU B 193 5.49 -26.58 -11.84
N THR B 194 5.92 -25.66 -10.95
CA THR B 194 6.13 -24.27 -11.36
C THR B 194 7.13 -24.18 -12.53
N GLN B 195 8.21 -24.96 -12.35
CA GLN B 195 9.28 -24.87 -13.39
C GLN B 195 8.78 -25.50 -14.69
N ARG B 196 8.00 -26.60 -14.62
CA ARG B 196 7.54 -27.21 -15.88
C ARG B 196 6.52 -26.27 -16.54
N MET B 197 5.63 -25.59 -15.80
CA MET B 197 4.67 -24.68 -16.40
C MET B 197 5.44 -23.49 -17.05
N VAL B 198 6.42 -22.94 -16.33
CA VAL B 198 7.21 -21.84 -16.96
C VAL B 198 7.90 -22.37 -18.22
N ALA B 199 8.48 -23.59 -18.15
CA ALA B 199 9.20 -24.07 -19.34
C ALA B 199 8.23 -24.28 -20.46
N ASP B 200 7.02 -24.79 -20.25
CA ASP B 200 6.08 -24.96 -21.32
C ASP B 200 5.75 -23.59 -21.93
N VAL B 201 5.52 -22.61 -21.10
CA VAL B 201 5.10 -21.26 -21.63
C VAL B 201 6.29 -20.63 -22.37
N VAL B 202 7.47 -20.67 -21.81
CA VAL B 202 8.65 -20.11 -22.49
C VAL B 202 8.89 -20.85 -23.77
N ASP B 203 8.81 -22.14 -23.80
CA ASP B 203 9.05 -22.88 -25.03
C ASP B 203 8.08 -22.51 -26.08
N ALA B 204 6.84 -22.15 -25.77
CA ALA B 204 5.83 -21.82 -26.74
C ALA B 204 6.07 -20.43 -27.34
N GLY B 205 6.90 -19.59 -26.72
CA GLY B 205 7.22 -18.25 -27.31
C GLY B 205 6.02 -17.35 -27.32
N ILE B 206 5.08 -17.54 -26.41
CA ILE B 206 3.88 -16.66 -26.30
C ILE B 206 4.21 -15.25 -25.79
N LEU B 207 5.12 -15.17 -24.85
CA LEU B 207 5.53 -13.89 -24.24
C LEU B 207 6.87 -13.50 -24.79
N PRO B 208 7.19 -12.20 -24.72
CA PRO B 208 8.50 -11.77 -25.20
C PRO B 208 9.63 -12.23 -24.28
N PRO B 209 10.88 -12.33 -24.83
CA PRO B 209 11.97 -12.60 -23.99
C PRO B 209 12.06 -11.51 -22.89
N GLY B 210 12.25 -12.09 -21.73
CA GLY B 210 12.45 -11.30 -20.52
C GLY B 210 11.15 -11.14 -19.76
N ALA B 211 10.01 -11.53 -20.28
CA ALA B 211 8.71 -11.30 -19.59
C ALA B 211 8.59 -12.32 -18.45
N LEU B 212 9.19 -13.49 -18.52
CA LEU B 212 8.93 -14.56 -17.58
C LEU B 212 10.20 -15.31 -17.26
N SER B 213 10.72 -15.25 -16.07
CA SER B 213 11.94 -15.89 -15.64
C SER B 213 11.65 -16.74 -14.43
N ILE B 214 12.40 -17.79 -14.22
CA ILE B 214 12.26 -18.58 -13.01
C ILE B 214 13.65 -18.92 -12.43
N ILE B 215 13.79 -18.89 -11.13
CA ILE B 215 14.95 -19.34 -10.36
C ILE B 215 14.49 -20.33 -9.31
N CYS B 216 15.08 -21.54 -9.28
CA CYS B 216 14.79 -22.52 -8.25
C CYS B 216 16.05 -22.90 -7.52
N GLY B 217 15.99 -23.04 -6.22
CA GLY B 217 17.17 -23.32 -5.42
C GLY B 217 17.31 -22.23 -4.37
N SER B 218 18.55 -21.91 -3.95
CA SER B 218 18.78 -20.89 -2.97
C SER B 218 18.31 -19.52 -3.44
N SER B 219 17.71 -18.81 -2.46
CA SER B 219 17.26 -17.44 -2.63
C SER B 219 18.39 -16.40 -2.48
N ALA B 220 19.60 -16.83 -2.13
CA ALA B 220 20.66 -15.84 -1.79
C ALA B 220 20.90 -14.87 -2.91
N GLY B 221 20.93 -13.57 -2.58
CA GLY B 221 21.25 -12.61 -3.60
C GLY B 221 20.12 -11.94 -4.31
N LEU B 222 18.89 -12.55 -4.21
CA LEU B 222 17.75 -12.05 -4.98
C LEU B 222 17.29 -10.63 -4.55
N LEU B 223 17.15 -10.46 -3.23
CA LEU B 223 16.65 -9.15 -2.75
C LEU B 223 17.65 -8.06 -3.02
N ASP B 224 18.93 -8.44 -3.01
CA ASP B 224 19.96 -7.45 -3.33
C ASP B 224 19.85 -6.88 -4.68
N GLN B 225 19.16 -7.55 -5.64
CA GLN B 225 18.93 -6.96 -6.99
C GLN B 225 17.67 -6.07 -7.19
N ILE B 226 16.84 -6.05 -6.09
CA ILE B 226 15.57 -5.30 -6.16
C ILE B 226 15.80 -3.80 -5.99
N ARG B 227 15.19 -3.04 -6.88
CA ARG B 227 15.35 -1.60 -6.94
C ARG B 227 13.99 -0.90 -6.72
N SER B 228 14.01 0.42 -6.66
CA SER B 228 12.91 1.22 -6.10
C SER B 228 11.57 1.13 -6.85
N PHE B 229 11.59 0.72 -8.13
CA PHE B 229 10.36 0.60 -8.94
C PHE B 229 9.90 -0.83 -9.10
N ASP B 230 10.58 -1.72 -8.44
CA ASP B 230 10.23 -3.11 -8.48
C ASP B 230 9.20 -3.44 -7.40
N VAL B 231 8.57 -4.57 -7.54
CA VAL B 231 7.61 -5.05 -6.52
C VAL B 231 7.93 -6.47 -6.16
N VAL B 232 7.71 -6.84 -4.89
CA VAL B 232 8.01 -8.15 -4.37
C VAL B 232 6.70 -8.69 -3.71
N SER B 233 6.31 -9.93 -4.01
CA SER B 233 5.12 -10.57 -3.36
C SER B 233 5.63 -11.84 -2.74
N PHE B 234 5.56 -11.90 -1.43
CA PHE B 234 6.02 -13.00 -0.61
C PHE B 234 4.85 -13.77 -0.01
N THR B 235 4.85 -15.10 -0.07
CA THR B 235 3.80 -15.85 0.57
C THR B 235 4.57 -16.88 1.42
N GLY B 236 4.27 -16.89 2.70
CA GLY B 236 5.03 -17.80 3.61
C GLY B 236 4.88 -17.45 5.06
N SER B 237 5.82 -17.84 5.90
CA SER B 237 5.72 -17.65 7.35
C SER B 237 5.94 -16.23 7.76
N ALA B 238 5.30 -15.92 8.89
CA ALA B 238 5.50 -14.62 9.45
C ALA B 238 6.97 -14.34 9.80
N ASP B 239 7.69 -15.35 10.28
CA ASP B 239 9.10 -15.09 10.63
C ASP B 239 9.93 -14.76 9.42
N THR B 240 9.70 -15.52 8.34
CA THR B 240 10.46 -15.24 7.15
C THR B 240 10.09 -13.86 6.56
N ALA B 241 8.79 -13.55 6.62
CA ALA B 241 8.38 -12.24 6.15
C ALA B 241 9.11 -11.09 6.90
N ALA B 242 9.24 -11.22 8.21
CA ALA B 242 9.93 -10.22 8.99
C ALA B 242 11.41 -10.11 8.61
N THR B 243 12.08 -11.27 8.35
CA THR B 243 13.41 -11.16 7.75
C THR B 243 13.46 -10.37 6.46
N LEU B 244 12.51 -10.66 5.54
CA LEU B 244 12.50 -10.00 4.25
C LEU B 244 12.23 -8.48 4.40
N ARG B 245 11.29 -8.16 5.31
CA ARG B 245 10.90 -6.72 5.45
C ARG B 245 12.10 -5.86 5.87
N ALA B 246 13.07 -6.45 6.59
CA ALA B 246 14.22 -5.66 7.08
C ALA B 246 15.20 -5.41 5.98
N HIS B 247 15.08 -6.06 4.80
CA HIS B 247 16.13 -5.89 3.81
C HIS B 247 16.21 -4.48 3.26
N PRO B 248 17.41 -3.97 2.89
CA PRO B 248 17.51 -2.66 2.31
C PRO B 248 16.66 -2.39 1.10
N ALA B 249 16.30 -3.41 0.28
CA ALA B 249 15.43 -3.19 -0.88
C ALA B 249 14.13 -2.46 -0.47
N PHE B 250 13.62 -2.83 0.72
CA PHE B 250 12.37 -2.21 1.22
C PHE B 250 12.67 -1.07 2.16
N VAL B 251 13.59 -1.23 3.08
CA VAL B 251 13.88 -0.20 4.11
C VAL B 251 14.55 1.00 3.54
N GLN B 252 15.50 0.86 2.64
CA GLN B 252 16.17 1.96 2.04
C GLN B 252 15.62 2.34 0.70
N ARG B 253 15.38 1.35 -0.18
CA ARG B 253 15.09 1.65 -1.56
C ARG B 253 13.56 1.76 -1.82
N GLY B 254 12.77 1.34 -0.82
CA GLY B 254 11.28 1.59 -0.90
C GLY B 254 10.51 0.75 -1.89
N ALA B 255 11.10 -0.36 -2.37
CA ALA B 255 10.35 -1.25 -3.22
C ALA B 255 9.07 -1.71 -2.58
N ARG B 256 8.05 -1.89 -3.41
CA ARG B 256 6.75 -2.36 -2.82
C ARG B 256 6.92 -3.80 -2.40
N LEU B 257 6.27 -4.15 -1.29
CA LEU B 257 6.22 -5.51 -0.76
C LEU B 257 4.79 -5.93 -0.36
N ASN B 258 4.33 -7.07 -0.82
CA ASN B 258 3.12 -7.64 -0.26
C ASN B 258 3.56 -8.85 0.42
N VAL B 259 2.98 -9.07 1.62
CA VAL B 259 3.15 -10.28 2.41
C VAL B 259 1.79 -10.96 2.60
N GLN B 260 1.78 -12.26 2.42
CA GLN B 260 0.63 -13.11 2.87
C GLN B 260 1.22 -14.12 3.72
N ALA B 261 0.83 -14.19 4.95
CA ALA B 261 1.41 -15.05 5.97
C ALA B 261 0.42 -15.95 6.65
N ASP B 262 0.81 -16.43 7.84
CA ASP B 262 0.05 -17.42 8.59
C ASP B 262 -1.27 -16.82 9.06
N SER B 263 -2.31 -17.61 9.14
CA SER B 263 -3.64 -17.12 9.57
C SER B 263 -4.50 -18.16 10.30
N LEU B 264 -5.02 -17.83 11.49
CA LEU B 264 -5.77 -18.81 12.26
C LEU B 264 -7.27 -18.63 11.94
N ASN B 265 -7.67 -18.96 10.72
CA ASN B 265 -8.99 -18.59 10.23
C ASN B 265 -10.11 -19.27 11.01
N SER B 266 -11.19 -18.55 11.18
CA SER B 266 -12.31 -19.04 12.03
C SER B 266 -13.47 -19.48 11.21
N ALA B 267 -14.27 -20.34 11.82
CA ALA B 267 -15.63 -20.73 11.37
C ALA B 267 -16.55 -20.55 12.55
N ILE B 268 -17.63 -19.81 12.33
CA ILE B 268 -18.52 -19.50 13.49
C ILE B 268 -19.88 -20.07 13.13
N LEU B 269 -20.35 -21.02 14.02
CA LEU B 269 -21.70 -21.56 13.97
C LEU B 269 -22.67 -20.59 14.77
N CYS B 270 -23.60 -20.04 13.99
CA CYS B 270 -24.54 -19.02 14.55
C CYS B 270 -25.54 -19.71 15.56
N ALA B 271 -25.97 -18.86 16.49
CA ALA B 271 -26.87 -19.38 17.58
C ALA B 271 -28.12 -20.04 17.00
N ASP B 272 -28.68 -19.63 15.89
CA ASP B 272 -29.82 -20.28 15.31
C ASP B 272 -29.60 -21.61 14.64
N ALA B 273 -28.33 -21.89 14.37
CA ALA B 273 -28.03 -23.09 13.60
C ALA B 273 -27.86 -24.30 14.51
N THR B 274 -28.99 -24.70 15.11
CA THR B 274 -28.93 -25.80 16.07
C THR B 274 -28.97 -27.12 15.29
N PRO B 275 -28.70 -28.25 16.00
CA PRO B 275 -28.54 -29.50 15.23
C PRO B 275 -29.72 -29.96 14.40
N ASP B 276 -30.92 -29.47 14.71
CA ASP B 276 -32.10 -29.85 13.96
C ASP B 276 -32.35 -28.93 12.77
N THR B 277 -31.36 -28.09 12.41
CA THR B 277 -31.52 -27.20 11.26
C THR B 277 -30.50 -27.47 10.15
N PRO B 278 -30.83 -27.17 8.92
CA PRO B 278 -29.93 -27.51 7.82
C PRO B 278 -28.56 -26.74 7.82
N ALA B 279 -28.45 -25.59 8.53
CA ALA B 279 -27.21 -24.85 8.51
C ALA B 279 -26.20 -25.65 9.32
N PHE B 280 -26.62 -26.42 10.34
CA PHE B 280 -25.67 -27.18 11.17
C PHE B 280 -24.88 -28.17 10.32
N ASP B 281 -25.53 -28.90 9.41
CA ASP B 281 -24.76 -29.92 8.66
C ASP B 281 -23.82 -29.15 7.68
N LEU B 282 -24.23 -27.97 7.19
CA LEU B 282 -23.29 -27.24 6.30
C LEU B 282 -22.04 -26.88 7.05
N PHE B 283 -22.09 -26.43 8.27
CA PHE B 283 -20.94 -26.20 9.10
C PHE B 283 -20.09 -27.43 9.29
N ILE B 284 -20.67 -28.57 9.71
CA ILE B 284 -19.87 -29.79 9.91
C ILE B 284 -19.11 -30.15 8.61
N LYS B 285 -19.78 -30.16 7.49
CA LYS B 285 -19.18 -30.50 6.20
C LYS B 285 -18.05 -29.53 5.84
N GLU B 286 -18.24 -28.25 6.05
CA GLU B 286 -17.17 -27.29 5.62
C GLU B 286 -15.99 -27.43 6.54
N VAL B 287 -16.11 -27.62 7.87
CA VAL B 287 -15.00 -27.80 8.70
C VAL B 287 -14.20 -29.06 8.29
N VAL B 288 -14.87 -30.15 7.94
CA VAL B 288 -14.12 -31.37 7.63
C VAL B 288 -13.46 -31.11 6.27
N ARG B 289 -14.12 -30.50 5.29
CA ARG B 289 -13.46 -30.22 4.02
C ARG B 289 -12.18 -29.41 4.26
N GLU B 290 -12.26 -28.32 5.02
CA GLU B 290 -11.10 -27.46 5.13
C GLU B 290 -9.99 -28.14 5.92
N MET B 291 -10.27 -29.03 6.85
CA MET B 291 -9.22 -29.81 7.51
C MET B 291 -8.56 -30.74 6.57
N THR B 292 -9.20 -31.24 5.56
CA THR B 292 -8.69 -32.44 4.84
C THR B 292 -8.21 -32.12 3.46
N VAL B 293 -8.77 -31.12 2.77
CA VAL B 293 -8.25 -30.78 1.43
C VAL B 293 -6.77 -30.44 1.55
N LYS B 294 -5.95 -31.11 0.72
CA LYS B 294 -4.46 -30.88 0.75
C LYS B 294 -3.90 -31.16 2.14
N SER B 295 -4.59 -32.07 2.91
CA SER B 295 -4.18 -32.33 4.28
C SER B 295 -4.06 -31.06 5.10
N GLY B 296 -4.98 -30.12 4.88
CA GLY B 296 -5.07 -28.86 5.64
C GLY B 296 -4.02 -27.87 5.28
N GLN B 297 -3.30 -28.06 4.15
CA GLN B 297 -2.19 -27.15 3.80
C GLN B 297 -2.66 -26.06 2.91
N LYS B 298 -3.75 -25.39 3.30
CA LYS B 298 -4.18 -24.13 2.68
C LYS B 298 -4.04 -23.06 3.69
N CYS B 299 -3.48 -21.90 3.30
CA CYS B 299 -3.36 -20.78 4.26
C CYS B 299 -4.75 -20.29 4.76
N THR B 300 -5.77 -20.58 3.94
CA THR B 300 -7.16 -20.17 4.26
C THR B 300 -7.92 -21.24 5.06
N ALA B 301 -7.33 -22.40 5.36
CA ALA B 301 -8.10 -23.41 6.05
C ALA B 301 -8.64 -22.91 7.41
N ILE B 302 -9.76 -23.49 7.77
CA ILE B 302 -10.35 -23.33 9.13
C ILE B 302 -9.41 -23.95 10.18
N ARG B 303 -9.01 -23.10 11.10
CA ARG B 303 -8.14 -23.53 12.21
C ARG B 303 -8.92 -23.52 13.54
N ARG B 304 -9.90 -22.64 13.67
CA ARG B 304 -10.65 -22.41 14.95
C ARG B 304 -12.06 -22.40 14.59
N ALA B 305 -12.88 -23.25 15.24
CA ALA B 305 -14.30 -23.36 15.01
C ALA B 305 -15.05 -23.05 16.28
N PHE B 306 -15.80 -21.99 16.24
CA PHE B 306 -16.51 -21.52 17.47
C PHE B 306 -17.96 -21.84 17.27
N VAL B 307 -18.48 -22.47 18.35
CA VAL B 307 -19.87 -22.95 18.35
C VAL B 307 -20.57 -22.57 19.75
N PRO B 308 -21.93 -22.41 19.70
CA PRO B 308 -22.61 -22.17 21.01
C PRO B 308 -22.24 -23.26 22.03
N GLU B 309 -22.21 -22.87 23.31
CA GLU B 309 -22.00 -23.87 24.34
C GLU B 309 -22.92 -25.07 24.21
N ALA B 310 -24.18 -24.83 23.89
CA ALA B 310 -25.22 -25.85 23.85
C ALA B 310 -24.99 -26.80 22.66
N ALA B 311 -24.19 -26.32 21.65
CA ALA B 311 -23.95 -27.09 20.47
C ALA B 311 -22.67 -27.89 20.55
N LEU B 312 -21.86 -27.69 21.54
CA LEU B 312 -20.52 -28.26 21.61
C LEU B 312 -20.55 -29.75 21.42
N GLU B 313 -21.37 -30.50 22.21
CA GLU B 313 -21.27 -31.95 22.11
C GLU B 313 -21.82 -32.47 20.83
N PRO B 314 -22.95 -31.98 20.32
CA PRO B 314 -23.46 -32.43 19.05
C PRO B 314 -22.45 -32.10 17.90
N VAL B 315 -21.80 -30.96 18.01
CA VAL B 315 -20.75 -30.61 16.98
C VAL B 315 -19.58 -31.65 17.04
N LEU B 316 -19.02 -31.91 18.21
CA LEU B 316 -17.97 -32.91 18.31
C LEU B 316 -18.42 -34.24 17.79
N GLU B 317 -19.64 -34.69 18.16
CA GLU B 317 -20.07 -35.96 17.64
C GLU B 317 -20.17 -36.02 16.13
N ALA B 318 -20.78 -35.00 15.48
CA ALA B 318 -20.94 -34.96 14.09
C ALA B 318 -19.54 -34.82 13.39
N LEU B 319 -18.60 -34.04 13.94
CA LEU B 319 -17.28 -33.94 13.28
C LEU B 319 -16.60 -35.29 13.40
N LYS B 320 -16.64 -35.98 14.54
CA LYS B 320 -15.99 -37.30 14.64
C LYS B 320 -16.58 -38.21 13.61
N ALA B 321 -17.89 -38.25 13.43
CA ALA B 321 -18.46 -39.19 12.46
C ALA B 321 -18.01 -38.91 11.05
N LYS B 322 -17.94 -37.63 10.70
CA LYS B 322 -17.59 -37.30 9.36
C LYS B 322 -16.04 -37.50 9.13
N LEU B 323 -15.23 -37.15 10.11
CA LEU B 323 -13.76 -37.34 10.01
C LEU B 323 -13.45 -38.83 9.84
N ALA B 324 -14.23 -39.71 10.46
CA ALA B 324 -13.95 -41.14 10.34
C ALA B 324 -14.15 -41.67 8.96
N LYS B 325 -14.79 -40.94 8.05
CA LYS B 325 -14.93 -41.41 6.66
C LYS B 325 -13.72 -41.00 5.79
N ILE B 326 -12.83 -40.18 6.35
CA ILE B 326 -11.67 -39.70 5.53
C ILE B 326 -10.56 -40.78 5.55
N THR B 327 -10.43 -41.48 4.42
CA THR B 327 -9.37 -42.48 4.30
C THR B 327 -8.03 -41.76 3.85
N VAL B 328 -6.92 -42.27 4.32
CA VAL B 328 -5.64 -41.59 4.13
C VAL B 328 -4.62 -42.49 3.51
N GLY B 329 -3.81 -41.95 2.61
CA GLY B 329 -2.73 -42.82 2.00
C GLY B 329 -2.31 -42.36 0.64
N ASN B 330 -1.98 -43.34 -0.22
CA ASN B 330 -1.40 -43.04 -1.54
C ASN B 330 -2.50 -42.48 -2.46
N PRO B 331 -2.34 -41.22 -2.97
CA PRO B 331 -3.35 -40.64 -3.82
C PRO B 331 -3.55 -41.36 -5.15
N ARG B 332 -2.68 -42.31 -5.50
CA ARG B 332 -2.85 -43.12 -6.71
C ARG B 332 -4.01 -44.07 -6.49
N ASN B 333 -4.42 -44.33 -5.26
CA ASN B 333 -5.55 -45.25 -5.02
C ASN B 333 -6.80 -44.47 -4.96
N ASP B 334 -7.79 -44.87 -5.78
CA ASP B 334 -9.03 -44.17 -5.88
C ASP B 334 -9.86 -44.14 -4.58
N ALA B 335 -9.61 -45.06 -3.67
CA ALA B 335 -10.35 -45.13 -2.39
C ALA B 335 -9.83 -44.06 -1.40
N VAL B 336 -8.67 -43.42 -1.70
CA VAL B 336 -8.05 -42.43 -0.75
C VAL B 336 -8.74 -41.11 -0.88
N ARG B 337 -9.18 -40.55 0.26
CA ARG B 337 -9.79 -39.23 0.28
C ARG B 337 -8.77 -38.16 0.63
N MET B 338 -7.68 -38.49 1.27
CA MET B 338 -6.72 -37.49 1.69
C MET B 338 -5.35 -38.10 1.53
N GLY B 339 -4.42 -37.38 0.87
CA GLY B 339 -3.07 -37.90 0.59
C GLY B 339 -2.10 -37.45 1.71
N SER B 340 -0.89 -37.00 1.33
CA SER B 340 0.17 -36.69 2.28
C SER B 340 0.33 -35.19 2.44
N LEU B 341 1.07 -34.76 3.47
CA LEU B 341 1.72 -33.41 3.46
C LEU B 341 2.79 -33.35 2.41
N VAL B 342 3.37 -32.17 2.24
CA VAL B 342 4.30 -32.00 1.11
C VAL B 342 5.68 -32.69 1.34
N SER B 343 6.02 -33.00 2.59
CA SER B 343 7.36 -33.59 2.84
C SER B 343 7.41 -34.15 4.19
N ARG B 344 8.38 -35.08 4.40
CA ARG B 344 8.61 -35.60 5.73
C ARG B 344 9.02 -34.52 6.73
N GLU B 345 9.74 -33.48 6.31
CA GLU B 345 10.05 -32.36 7.20
C GLU B 345 8.75 -31.68 7.71
N GLN B 346 7.78 -31.50 6.80
CA GLN B 346 6.51 -30.96 7.24
C GLN B 346 5.72 -31.93 8.13
N TYR B 347 5.83 -33.26 7.86
CA TYR B 347 5.28 -34.23 8.73
C TYR B 347 5.80 -34.03 10.18
N GLU B 348 7.12 -33.93 10.33
CA GLU B 348 7.66 -33.68 11.70
C GLU B 348 7.20 -32.37 12.30
N ASN B 349 7.12 -31.35 11.48
CA ASN B 349 6.69 -30.05 11.99
C ASN B 349 5.24 -30.12 12.43
N VAL B 350 4.35 -30.80 11.70
CA VAL B 350 2.98 -30.93 12.09
C VAL B 350 2.79 -31.75 13.35
N LEU B 351 3.44 -32.93 13.43
CA LEU B 351 3.41 -33.64 14.68
C LEU B 351 3.94 -32.82 15.90
N ALA B 352 4.95 -31.98 15.71
CA ALA B 352 5.40 -31.15 16.85
C ALA B 352 4.31 -30.13 17.18
N GLY B 353 3.58 -29.63 16.19
CA GLY B 353 2.55 -28.63 16.42
C GLY B 353 1.42 -29.29 17.13
N ILE B 354 1.06 -30.50 16.75
CA ILE B 354 -0.03 -31.24 17.39
C ILE B 354 0.38 -31.46 18.90
N ALA B 355 1.63 -31.91 19.13
CA ALA B 355 2.10 -32.12 20.54
C ALA B 355 1.99 -30.80 21.31
N ALA B 356 2.35 -29.68 20.68
CA ALA B 356 2.22 -28.40 21.38
C ALA B 356 0.79 -28.07 21.75
N LEU B 357 -0.14 -28.16 20.79
CA LEU B 357 -1.48 -27.80 21.11
C LEU B 357 -2.08 -28.68 22.19
N ARG B 358 -1.67 -29.95 22.24
CA ARG B 358 -2.21 -30.94 23.19
C ARG B 358 -1.84 -30.60 24.65
N GLU B 359 -0.82 -29.76 24.82
CA GLU B 359 -0.49 -29.22 26.20
C GLU B 359 -1.63 -28.43 26.74
N GLU B 360 -2.49 -27.90 25.88
N GLU B 360 -2.44 -27.83 25.88
CA GLU B 360 -3.53 -26.98 26.33
CA GLU B 360 -3.53 -26.92 26.31
C GLU B 360 -4.91 -27.24 25.79
C GLU B 360 -4.94 -27.28 25.87
N ALA B 361 -5.12 -28.40 25.17
CA ALA B 361 -6.37 -28.76 24.59
C ALA B 361 -6.56 -30.24 24.67
N VAL B 362 -7.78 -30.64 24.60
CA VAL B 362 -8.12 -32.05 24.68
C VAL B 362 -8.15 -32.56 23.20
N LEU B 363 -7.56 -33.71 22.94
CA LEU B 363 -7.59 -34.32 21.62
C LEU B 363 -8.86 -35.13 21.53
N ALA B 364 -9.83 -34.66 20.80
CA ALA B 364 -11.14 -35.26 20.63
C ALA B 364 -11.24 -36.31 19.52
N TYR B 365 -10.45 -36.18 18.46
CA TYR B 365 -10.47 -37.15 17.34
C TYR B 365 -9.02 -37.22 16.85
N ASP B 366 -8.56 -38.44 16.59
CA ASP B 366 -7.14 -38.63 16.05
C ASP B 366 -7.16 -40.00 15.36
N SER B 367 -7.19 -40.09 14.02
CA SER B 367 -7.16 -41.42 13.36
C SER B 367 -5.75 -41.89 12.97
N SER B 368 -4.70 -41.47 13.70
CA SER B 368 -3.29 -41.90 13.38
C SER B 368 -3.12 -43.37 13.28
N ALA B 369 -3.86 -44.10 14.12
CA ALA B 369 -3.66 -45.58 14.13
C ALA B 369 -4.41 -46.28 13.00
N VAL B 370 -5.27 -45.62 12.24
CA VAL B 370 -5.95 -46.29 11.10
C VAL B 370 -4.91 -46.58 10.03
N PRO B 371 -4.79 -47.85 9.58
CA PRO B 371 -3.74 -48.12 8.59
C PRO B 371 -3.84 -47.29 7.32
N LEU B 372 -2.68 -46.86 6.86
CA LEU B 372 -2.66 -46.09 5.62
C LEU B 372 -3.01 -47.03 4.45
N ILE B 373 -3.47 -46.43 3.39
CA ILE B 373 -3.75 -47.20 2.14
C ILE B 373 -2.56 -47.05 1.18
N ASP B 374 -1.92 -48.19 0.84
CA ASP B 374 -0.84 -48.22 -0.16
C ASP B 374 0.31 -47.28 0.20
N ALA B 375 0.66 -47.18 1.46
CA ALA B 375 1.76 -46.29 1.88
C ALA B 375 2.36 -46.82 3.19
N ASP B 376 3.66 -46.62 3.33
CA ASP B 376 4.41 -47.06 4.49
C ASP B 376 4.50 -45.79 5.42
N ALA B 377 3.96 -45.87 6.64
CA ALA B 377 3.93 -44.74 7.57
C ALA B 377 5.32 -44.27 7.93
N ASN B 378 6.33 -45.13 7.80
CA ASN B 378 7.74 -44.71 8.04
C ASN B 378 8.45 -44.00 6.88
N ILE B 379 7.83 -43.98 5.68
CA ILE B 379 8.35 -43.34 4.51
C ILE B 379 7.52 -42.10 4.20
N ALA B 380 6.20 -42.33 4.19
CA ALA B 380 5.25 -41.29 3.71
C ALA B 380 5.15 -40.18 4.75
N ALA B 381 4.61 -39.08 4.27
CA ALA B 381 4.34 -37.89 5.13
C ALA B 381 2.86 -37.72 5.38
N CYS B 382 2.13 -38.83 5.59
CA CYS B 382 0.70 -38.81 5.82
C CYS B 382 0.44 -38.54 7.32
N VAL B 383 -0.24 -37.48 7.66
CA VAL B 383 -0.79 -37.25 8.99
C VAL B 383 -2.28 -37.38 8.87
N ALA B 384 -2.89 -38.05 9.85
CA ALA B 384 -4.33 -38.21 9.91
C ALA B 384 -5.01 -36.97 10.50
N PRO B 385 -6.32 -36.80 10.27
CA PRO B 385 -7.02 -35.65 10.90
C PRO B 385 -6.87 -35.70 12.43
N HIS B 386 -6.63 -34.53 13.04
CA HIS B 386 -6.69 -34.40 14.53
C HIS B 386 -7.63 -33.26 14.80
N LEU B 387 -8.56 -33.52 15.71
CA LEU B 387 -9.52 -32.44 16.14
C LEU B 387 -9.34 -32.19 17.63
N PHE B 388 -9.06 -30.96 18.04
CA PHE B 388 -8.82 -30.55 19.44
C PHE B 388 -10.08 -29.84 19.91
N VAL B 389 -10.31 -29.93 21.23
CA VAL B 389 -11.35 -29.07 21.89
C VAL B 389 -10.76 -28.27 22.97
N VAL B 390 -11.14 -26.99 23.00
CA VAL B 390 -10.60 -26.04 23.96
C VAL B 390 -11.80 -25.45 24.70
N ASN B 391 -12.01 -25.95 25.93
CA ASN B 391 -13.21 -25.58 26.65
C ASN B 391 -13.34 -24.14 27.09
N ASP B 392 -12.20 -23.50 27.33
CA ASP B 392 -12.20 -22.13 27.82
C ASP B 392 -11.38 -21.25 26.88
N PRO B 393 -12.03 -20.88 25.73
CA PRO B 393 -11.22 -20.11 24.76
C PRO B 393 -10.86 -18.72 25.19
N ASP B 394 -11.58 -18.12 26.19
CA ASP B 394 -11.10 -16.81 26.71
C ASP B 394 -9.72 -16.87 27.37
N ASN B 395 -9.45 -17.97 28.09
CA ASN B 395 -8.16 -18.08 28.80
C ASN B 395 -7.11 -18.96 28.16
N ALA B 396 -7.38 -19.37 26.91
CA ALA B 396 -6.47 -20.28 26.20
C ALA B 396 -5.30 -19.48 25.66
N THR B 397 -4.06 -19.96 25.80
CA THR B 397 -2.98 -19.24 25.04
C THR B 397 -2.93 -19.66 23.59
N LEU B 398 -2.68 -20.97 23.49
CA LEU B 398 -2.19 -21.44 22.25
C LEU B 398 -3.29 -21.37 21.19
N LEU B 399 -4.54 -21.57 21.57
CA LEU B 399 -5.68 -21.59 20.60
C LEU B 399 -5.59 -20.49 19.55
N HIS B 400 -5.36 -19.25 20.03
CA HIS B 400 -5.42 -18.06 19.14
C HIS B 400 -4.09 -17.68 18.58
N ASP B 401 -3.05 -18.44 18.86
CA ASP B 401 -1.68 -18.05 18.48
C ASP B 401 -0.90 -19.05 17.67
N VAL B 402 -1.16 -20.35 17.89
CA VAL B 402 -0.29 -21.36 17.30
C VAL B 402 -0.96 -22.05 16.06
N GLU B 403 -0.36 -21.95 14.90
CA GLU B 403 -0.96 -22.48 13.62
C GLU B 403 -0.31 -23.88 13.49
N VAL B 404 -1.12 -24.94 13.29
CA VAL B 404 -0.49 -26.20 12.77
C VAL B 404 -0.93 -26.38 11.28
N PHE B 405 0.06 -26.42 10.39
CA PHE B 405 -0.22 -26.44 8.92
C PHE B 405 -0.40 -27.84 8.38
N GLY B 406 -1.49 -28.40 8.87
CA GLY B 406 -1.81 -29.83 8.59
C GLY B 406 -3.30 -30.02 8.86
N PRO B 407 -3.74 -31.25 8.94
CA PRO B 407 -5.20 -31.59 9.03
C PRO B 407 -5.66 -31.51 10.45
N VAL B 408 -5.61 -30.27 10.96
CA VAL B 408 -5.68 -30.10 12.44
C VAL B 408 -6.53 -28.85 12.65
N ALA B 409 -7.54 -28.95 13.50
CA ALA B 409 -8.35 -27.76 13.86
C ALA B 409 -8.80 -27.92 15.33
N SER B 410 -9.22 -26.79 15.89
CA SER B 410 -9.70 -26.79 17.33
C SER B 410 -11.09 -26.20 17.39
N VAL B 411 -11.96 -26.86 18.17
CA VAL B 411 -13.32 -26.43 18.39
C VAL B 411 -13.40 -25.85 19.78
N ALA B 412 -14.09 -24.69 19.91
CA ALA B 412 -14.26 -24.04 21.22
C ALA B 412 -15.67 -23.50 21.29
N PRO B 413 -16.29 -23.63 22.50
CA PRO B 413 -17.59 -23.01 22.71
C PRO B 413 -17.53 -21.48 22.94
N TYR B 414 -18.58 -20.79 22.48
CA TYR B 414 -18.75 -19.39 22.90
C TYR B 414 -20.10 -19.22 23.62
N ARG B 415 -20.15 -18.08 24.34
CA ARG B 415 -21.40 -17.72 25.17
C ARG B 415 -22.35 -16.94 24.28
N VAL B 416 -23.46 -17.53 23.90
CA VAL B 416 -24.50 -16.82 23.17
C VAL B 416 -24.99 -15.66 24.00
N THR B 417 -25.15 -14.50 23.36
CA THR B 417 -25.66 -13.26 24.00
C THR B 417 -27.12 -13.19 23.74
N THR B 418 -27.83 -13.02 24.84
CA THR B 418 -29.25 -12.96 24.85
C THR B 418 -29.80 -11.52 24.68
N ASP B 419 -28.89 -10.53 24.77
CA ASP B 419 -29.11 -9.10 24.47
C ASP B 419 -28.96 -8.36 25.81
N LEU B 423 -25.52 -8.80 18.56
CA LEU B 423 -25.69 -10.06 17.82
C LEU B 423 -25.53 -11.26 18.82
N PRO B 424 -26.36 -12.28 18.59
CA PRO B 424 -26.17 -13.52 19.46
C PRO B 424 -24.70 -14.05 19.49
N GLU B 425 -23.99 -13.79 18.36
CA GLU B 425 -22.57 -14.27 18.13
C GLU B 425 -21.54 -13.29 18.53
N ALA B 426 -21.88 -12.24 19.30
CA ALA B 426 -20.91 -11.32 19.70
C ALA B 426 -19.60 -11.88 20.30
N HIS B 427 -19.67 -12.85 21.23
CA HIS B 427 -18.50 -13.42 21.88
C HIS B 427 -17.63 -14.17 20.75
N ALA B 428 -18.35 -14.84 19.87
CA ALA B 428 -17.64 -15.53 18.71
C ALA B 428 -16.88 -14.52 17.84
N VAL B 429 -17.43 -13.32 17.65
CA VAL B 429 -16.71 -12.28 16.90
C VAL B 429 -15.47 -11.86 17.69
N ALA B 430 -15.54 -11.62 19.01
CA ALA B 430 -14.44 -11.26 19.77
C ALA B 430 -13.34 -12.33 19.75
N LEU B 431 -13.82 -13.61 19.87
CA LEU B 431 -12.84 -14.69 19.79
C LEU B 431 -12.09 -14.77 18.40
N ALA B 432 -12.90 -14.54 17.37
CA ALA B 432 -12.29 -14.53 16.02
C ALA B 432 -11.20 -13.46 15.98
N ARG B 433 -11.51 -12.27 16.55
CA ARG B 433 -10.51 -11.19 16.57
C ARG B 433 -9.21 -11.48 17.30
N ARG B 434 -9.31 -12.37 18.30
CA ARG B 434 -8.08 -12.74 19.03
C ARG B 434 -7.05 -13.49 18.17
N GLY B 435 -7.48 -13.92 16.92
CA GLY B 435 -6.49 -14.37 15.99
C GLY B 435 -5.53 -13.34 15.40
N GLN B 436 -5.78 -12.09 15.79
CA GLN B 436 -4.87 -10.96 15.47
C GLN B 436 -4.81 -10.65 13.97
N GLY B 437 -5.91 -10.93 13.30
CA GLY B 437 -6.05 -10.56 11.84
C GLY B 437 -5.89 -11.81 10.98
N SER B 438 -6.90 -12.11 10.19
CA SER B 438 -6.98 -13.36 9.44
C SER B 438 -7.35 -13.10 7.98
N LEU B 439 -7.01 -14.06 7.14
CA LEU B 439 -7.47 -14.08 5.74
C LEU B 439 -8.96 -14.25 5.59
N VAL B 440 -9.56 -15.17 6.40
CA VAL B 440 -10.96 -15.42 6.15
C VAL B 440 -11.63 -15.89 7.44
N ALA B 441 -12.90 -15.52 7.63
CA ALA B 441 -13.79 -16.18 8.56
C ALA B 441 -14.98 -16.66 7.77
N SER B 442 -15.52 -17.86 8.13
CA SER B 442 -16.80 -18.23 7.57
C SER B 442 -17.83 -18.27 8.76
N ILE B 443 -19.07 -18.03 8.31
CA ILE B 443 -20.21 -17.90 9.32
C ILE B 443 -21.36 -18.67 8.71
N TYR B 444 -22.12 -19.37 9.60
CA TYR B 444 -23.14 -20.39 9.17
C TYR B 444 -24.44 -20.13 9.96
N SER B 445 -25.49 -19.93 9.17
CA SER B 445 -26.82 -19.66 9.82
C SER B 445 -27.81 -20.12 8.81
N ASN B 446 -29.08 -20.23 9.34
CA ASN B 446 -30.24 -20.37 8.52
C ASN B 446 -30.86 -19.04 8.07
N ASP B 447 -30.35 -17.92 8.60
CA ASP B 447 -30.97 -16.61 8.35
C ASP B 447 -29.93 -15.77 7.54
N ASP B 448 -30.26 -15.64 6.26
CA ASP B 448 -29.34 -14.85 5.36
C ASP B 448 -29.17 -13.41 5.82
N ALA B 449 -30.26 -12.73 6.15
CA ALA B 449 -30.09 -11.35 6.61
C ALA B 449 -29.20 -11.23 7.79
N HIS B 450 -29.32 -12.17 8.75
CA HIS B 450 -28.48 -12.14 9.89
C HIS B 450 -26.98 -12.24 9.51
N LEU B 451 -26.73 -13.11 8.52
CA LEU B 451 -25.32 -13.28 8.07
C LEU B 451 -24.78 -11.97 7.49
N GLY B 452 -25.61 -11.15 6.79
CA GLY B 452 -25.07 -9.86 6.26
C GLY B 452 -24.71 -8.95 7.41
N ARG B 453 -25.45 -8.94 8.53
CA ARG B 453 -25.11 -8.12 9.66
C ARG B 453 -23.92 -8.60 10.43
N LEU B 454 -23.83 -9.93 10.61
CA LEU B 454 -22.69 -10.48 11.26
C LEU B 454 -21.36 -10.24 10.47
N ALA B 455 -21.49 -10.39 9.14
CA ALA B 455 -20.30 -10.17 8.30
C ALA B 455 -19.64 -8.84 8.53
N LEU B 456 -20.47 -7.76 8.66
CA LEU B 456 -19.92 -6.47 8.91
C LEU B 456 -19.14 -6.36 10.18
N GLU B 457 -19.50 -7.14 11.24
CA GLU B 457 -18.76 -7.14 12.48
C GLU B 457 -17.40 -7.83 12.45
N LEU B 458 -17.23 -8.66 11.38
CA LEU B 458 -15.94 -9.41 11.21
C LEU B 458 -15.04 -8.71 10.17
N ALA B 459 -15.57 -7.73 9.44
CA ALA B 459 -14.86 -7.23 8.28
C ALA B 459 -13.60 -6.51 8.61
N ASP B 460 -13.48 -5.85 9.76
CA ASP B 460 -12.30 -5.08 9.98
C ASP B 460 -11.12 -5.93 10.39
N SER B 461 -11.33 -7.22 10.65
CA SER B 461 -10.22 -8.06 11.11
C SER B 461 -9.99 -9.24 10.17
N HIS B 462 -10.80 -9.35 9.11
CA HIS B 462 -10.72 -10.47 8.16
C HIS B 462 -10.75 -9.93 6.75
N GLY B 463 -9.84 -10.40 5.92
CA GLY B 463 -9.86 -9.95 4.51
C GLY B 463 -11.02 -10.44 3.68
N ARG B 464 -11.68 -11.53 4.15
CA ARG B 464 -12.81 -12.13 3.48
C ARG B 464 -13.68 -12.73 4.56
N VAL B 465 -14.99 -12.55 4.38
CA VAL B 465 -16.00 -13.19 5.24
C VAL B 465 -16.88 -13.97 4.33
N HIS B 466 -17.05 -15.25 4.63
CA HIS B 466 -17.68 -16.22 3.73
C HIS B 466 -18.87 -16.89 4.44
N ALA B 467 -20.06 -16.51 3.88
CA ALA B 467 -21.33 -16.86 4.61
C ALA B 467 -22.07 -17.99 3.95
N ILE B 468 -22.22 -19.07 4.75
CA ILE B 468 -22.84 -20.29 4.23
C ILE B 468 -24.21 -20.51 4.95
N SER B 469 -25.17 -20.77 4.07
CA SER B 469 -26.55 -20.95 4.59
C SER B 469 -27.27 -21.85 3.57
N PRO B 470 -28.50 -22.35 3.97
CA PRO B 470 -29.10 -23.33 3.13
C PRO B 470 -29.45 -22.81 1.74
N SER B 471 -29.77 -21.50 1.66
CA SER B 471 -30.02 -21.02 0.36
C SER B 471 -28.92 -21.10 -0.68
N VAL B 472 -27.67 -21.27 -0.21
CA VAL B 472 -26.52 -21.27 -1.13
C VAL B 472 -25.77 -22.57 -0.93
N GLN B 473 -26.44 -23.57 -0.36
CA GLN B 473 -25.70 -24.87 -0.22
C GLN B 473 -25.16 -25.35 -1.53
N HIS B 474 -25.83 -25.10 -2.64
CA HIS B 474 -25.44 -25.55 -3.93
C HIS B 474 -24.48 -24.65 -4.65
N SER B 475 -24.36 -23.41 -4.21
CA SER B 475 -23.64 -22.42 -5.00
C SER B 475 -22.44 -21.80 -4.15
N GLN B 476 -22.45 -21.88 -2.85
CA GLN B 476 -21.33 -21.20 -2.09
C GLN B 476 -20.02 -21.84 -2.55
N THR B 477 -19.00 -21.00 -2.67
CA THR B 477 -17.79 -21.42 -3.37
C THR B 477 -16.68 -22.02 -2.45
N GLY B 478 -16.96 -22.14 -1.17
CA GLY B 478 -16.05 -22.83 -0.24
C GLY B 478 -15.34 -21.84 0.67
N HIS B 479 -15.23 -22.15 1.95
CA HIS B 479 -14.50 -21.33 2.89
C HIS B 479 -13.09 -20.97 2.36
N GLY B 480 -12.31 -22.01 1.99
CA GLY B 480 -10.88 -21.77 1.68
C GLY B 480 -10.59 -21.62 0.25
N ASN B 481 -11.52 -21.73 -0.65
CA ASN B 481 -11.22 -21.60 -2.07
CA ASN B 481 -11.31 -21.62 -2.09
C ASN B 481 -11.21 -20.17 -2.43
N VAL B 482 -10.13 -19.71 -3.07
CA VAL B 482 -9.94 -18.24 -3.35
C VAL B 482 -10.48 -17.92 -4.74
N MET B 483 -11.56 -17.14 -4.78
CA MET B 483 -12.10 -16.74 -6.04
C MET B 483 -11.38 -15.50 -6.46
N PRO B 484 -10.96 -15.44 -7.73
CA PRO B 484 -10.02 -14.36 -8.13
C PRO B 484 -10.66 -12.95 -8.20
N MET B 485 -11.97 -12.93 -8.30
CA MET B 485 -12.68 -11.65 -8.29
C MET B 485 -12.79 -11.08 -6.91
N SER B 486 -12.46 -11.82 -5.87
CA SER B 486 -12.55 -11.38 -4.49
C SER B 486 -11.19 -11.14 -3.94
N LEU B 487 -11.09 -10.19 -3.03
CA LEU B 487 -9.86 -9.95 -2.33
C LEU B 487 -9.30 -11.12 -1.60
N HIS B 488 -7.97 -11.29 -1.65
CA HIS B 488 -7.25 -12.30 -0.93
C HIS B 488 -6.18 -11.67 -0.06
N GLY B 489 -6.21 -11.80 1.21
CA GLY B 489 -5.23 -11.07 2.12
C GLY B 489 -5.91 -10.83 3.40
N GLY B 490 -5.21 -10.31 4.36
CA GLY B 490 -5.85 -9.93 5.63
C GLY B 490 -4.90 -9.09 6.45
N PRO B 491 -5.47 -8.38 7.42
CA PRO B 491 -4.66 -7.50 8.27
C PRO B 491 -3.88 -8.27 9.35
N GLY B 492 -2.92 -7.62 10.00
CA GLY B 492 -2.31 -8.21 11.17
C GLY B 492 -1.49 -9.45 10.83
N ARG B 493 -1.77 -10.53 11.55
CA ARG B 493 -0.97 -11.76 11.38
C ARG B 493 -1.01 -12.27 9.94
N ALA B 494 -2.12 -12.04 9.22
CA ALA B 494 -2.21 -12.55 7.85
C ALA B 494 -1.27 -11.80 6.85
N GLY B 495 -0.68 -10.68 7.31
CA GLY B 495 0.44 -10.01 6.63
C GLY B 495 0.13 -8.60 6.20
N GLY B 496 -1.11 -8.14 6.23
CA GLY B 496 -1.42 -6.79 5.84
C GLY B 496 -1.46 -6.64 4.32
N GLY B 497 -1.49 -7.74 3.62
CA GLY B 497 -1.40 -7.68 2.15
C GLY B 497 -2.75 -7.70 1.45
N GLU B 498 -2.77 -7.51 0.16
CA GLU B 498 -3.95 -7.60 -0.68
C GLU B 498 -3.53 -8.14 -2.02
N GLU B 499 -4.22 -9.12 -2.49
CA GLU B 499 -4.06 -9.75 -3.79
C GLU B 499 -5.44 -9.92 -4.41
N LEU B 500 -5.41 -10.18 -5.70
CA LEU B 500 -6.67 -10.52 -6.45
C LEU B 500 -7.73 -9.45 -6.20
N GLY B 501 -9.01 -9.83 -6.01
CA GLY B 501 -10.04 -8.77 -6.07
C GLY B 501 -10.24 -8.21 -7.45
N GLY B 502 -10.08 -9.04 -8.46
CA GLY B 502 -10.29 -8.61 -9.86
C GLY B 502 -9.36 -7.49 -10.21
N LEU B 503 -9.92 -6.39 -10.72
CA LEU B 503 -9.08 -5.27 -11.22
C LEU B 503 -8.33 -4.67 -10.03
N ARG B 504 -8.73 -4.86 -8.78
CA ARG B 504 -8.00 -4.28 -7.68
C ARG B 504 -6.58 -4.74 -7.68
N ALA B 505 -6.30 -5.93 -8.21
CA ALA B 505 -4.91 -6.48 -8.21
C ALA B 505 -3.94 -5.71 -9.12
N LEU B 506 -4.49 -4.93 -10.07
CA LEU B 506 -3.59 -4.20 -10.95
C LEU B 506 -2.90 -3.10 -10.20
N ALA B 507 -3.45 -2.51 -9.11
CA ALA B 507 -2.83 -1.32 -8.55
C ALA B 507 -1.45 -1.52 -8.06
N PHE B 508 -1.20 -2.73 -7.55
CA PHE B 508 0.14 -3.07 -7.02
C PHE B 508 1.24 -3.02 -8.10
N TYR B 509 0.84 -3.20 -9.37
CA TYR B 509 1.82 -3.17 -10.47
C TYR B 509 1.93 -1.87 -11.16
N HIS B 510 1.09 -0.90 -10.79
CA HIS B 510 1.04 0.43 -11.49
C HIS B 510 1.50 1.53 -10.57
N ARG B 511 1.98 2.63 -11.15
N ARG B 511 1.77 2.64 -11.23
CA ARG B 511 2.06 3.89 -10.41
CA ARG B 511 2.11 3.91 -10.66
C ARG B 511 0.90 4.79 -10.80
C ARG B 511 0.90 4.84 -10.87
N ARG B 512 0.30 5.38 -9.81
CA ARG B 512 -0.80 6.29 -10.00
C ARG B 512 -0.31 7.72 -10.11
N SER B 513 -0.86 8.55 -10.99
CA SER B 513 -0.43 9.96 -11.15
C SER B 513 -1.66 10.83 -11.36
N ALA B 514 -1.70 12.04 -10.79
CA ALA B 514 -2.70 13.06 -11.11
C ALA B 514 -2.21 13.88 -12.28
N ILE B 515 -2.92 13.92 -13.37
CA ILE B 515 -2.57 14.83 -14.45
C ILE B 515 -3.48 16.05 -14.44
N GLN B 516 -2.92 17.24 -14.30
CA GLN B 516 -3.75 18.43 -14.13
C GLN B 516 -3.42 19.26 -15.40
N ALA B 517 -4.44 19.66 -16.20
CA ALA B 517 -4.13 20.29 -17.48
C ALA B 517 -5.41 21.03 -17.97
N ALA B 518 -5.14 21.76 -19.05
CA ALA B 518 -6.23 22.29 -19.87
C ALA B 518 -7.19 21.16 -20.16
N SER B 519 -8.46 21.49 -20.10
CA SER B 519 -9.53 20.50 -20.28
C SER B 519 -9.46 19.77 -21.65
N ALA B 520 -8.99 20.44 -22.70
CA ALA B 520 -8.84 19.72 -24.03
C ALA B 520 -7.84 18.59 -23.91
N ALA B 521 -6.71 18.87 -23.23
CA ALA B 521 -5.54 17.94 -22.99
C ALA B 521 -6.07 16.78 -22.17
N ILE B 522 -6.94 16.99 -21.19
CA ILE B 522 -7.53 15.92 -20.36
C ILE B 522 -8.44 15.06 -21.25
N GLY B 523 -9.06 15.71 -22.25
CA GLY B 523 -9.79 14.98 -23.32
C GLY B 523 -8.88 14.06 -24.18
N THR B 524 -7.82 14.59 -24.78
CA THR B 524 -6.84 13.81 -25.59
C THR B 524 -6.12 12.68 -24.78
N LEU B 525 -5.84 12.95 -23.48
CA LEU B 525 -5.41 11.91 -22.51
C LEU B 525 -6.30 10.75 -22.57
N THR B 526 -7.59 11.09 -22.53
CA THR B 526 -8.67 10.12 -22.28
C THR B 526 -8.95 9.26 -23.51
N GLN B 527 -8.71 9.86 -24.69
CA GLN B 527 -8.65 9.16 -25.96
C GLN B 527 -7.48 8.15 -26.03
N ALA B 528 -6.43 8.34 -25.20
CA ALA B 528 -5.32 7.39 -25.19
C ALA B 528 -5.39 6.39 -24.04
N THR B 529 -6.40 6.50 -23.18
CA THR B 529 -6.40 5.70 -21.93
C THR B 529 -7.66 4.85 -21.65
C1 GOL C . 6.30 1.96 2.83
O1 GOL C . 7.50 1.48 3.52
C2 GOL C . 6.46 3.45 2.38
O2 GOL C . 7.74 3.68 1.82
C3 GOL C . 5.36 3.98 1.45
O3 GOL C . 5.47 5.36 1.22
C1 GOL D . -0.29 23.41 0.83
O1 GOL D . -1.25 24.42 0.76
C2 GOL D . 0.79 23.48 -0.24
O2 GOL D . 0.07 23.65 -1.48
C3 GOL D . 1.69 22.28 -0.22
O3 GOL D . 2.80 22.43 -1.17
PA NAP E . 13.23 15.00 9.26
O1A NAP E . 13.21 14.06 7.95
O2A NAP E . 13.49 14.23 10.50
O5B NAP E . 11.83 15.80 9.27
C5B NAP E . 10.61 15.10 9.49
C4B NAP E . 10.41 14.81 10.99
O4B NAP E . 11.03 13.57 11.34
C3B NAP E . 11.16 15.86 11.81
O3B NAP E . 10.25 16.85 12.28
C2B NAP E . 11.71 15.07 13.00
O2B NAP E . 11.15 15.58 14.21
C1B NAP E . 11.19 13.65 12.76
N9A NAP E . 12.23 12.67 13.19
C8A NAP E . 13.55 12.82 13.08
N7A NAP E . 14.15 11.75 13.58
C5A NAP E . 13.21 10.90 14.00
C6A NAP E . 13.25 9.65 14.59
N6A NAP E . 14.41 9.05 14.85
N1A NAP E . 12.09 9.05 14.91
C2A NAP E . 10.93 9.65 14.66
N3A NAP E . 10.87 10.84 14.10
C4A NAP E . 11.99 11.49 13.75
O3 NAP E . 14.38 16.10 8.97
PN NAP E . 14.09 17.34 7.99
O1N NAP E . 14.75 16.96 6.55
O2N NAP E . 14.58 18.64 8.50
O5D NAP E . 12.50 17.36 7.72
C5D NAP E . 11.84 18.59 7.40
C4D NAP E . 12.12 19.00 5.95
O4D NAP E . 12.53 17.85 5.20
C3D NAP E . 10.81 19.43 5.28
O3D NAP E . 10.73 20.86 5.27
C2D NAP E . 10.94 18.92 3.85
O2D NAP E . 10.95 20.03 2.95
C1D NAP E . 12.31 18.23 3.83
N1N NAP E . 12.26 17.03 2.98
C2N NAP E . 13.44 16.44 2.52
C3N NAP E . 13.37 15.30 1.72
C7N NAP E . 14.67 14.64 1.22
O7N NAP E . 15.26 15.10 0.24
N7N NAP E . 15.06 13.59 1.91
C4N NAP E . 12.15 14.75 1.38
C5N NAP E . 10.97 15.33 1.84
C6N NAP E . 11.02 16.47 2.64
P2B NAP E . 11.81 16.87 14.93
O1X NAP E . 11.26 16.85 16.45
O2X NAP E . 13.39 16.54 15.04
O3X NAP E . 11.54 18.13 14.22
PA NAP F . 11.24 -20.73 4.42
O1A NAP F . 12.65 -20.62 5.19
O2A NAP F . 10.77 -22.15 4.41
O5B NAP F . 11.34 -20.07 2.98
C5B NAP F . 10.42 -19.61 1.99
C4B NAP F . 11.04 -18.86 0.81
O4B NAP F . 11.69 -17.80 1.39
C3B NAP F . 12.05 -19.93 0.78
O3B NAP F . 12.01 -20.68 -0.18
C2B NAP F . 13.36 -19.11 0.94
O2B NAP F . 14.42 -19.30 0.03
C1B NAP F . 12.88 -17.67 0.91
N9A NAP F . 13.63 -16.85 1.74
C8A NAP F . 14.01 -17.12 2.97
N7A NAP F . 14.85 -16.04 3.26
C5A NAP F . 14.95 -15.24 2.25
C6A NAP F . 15.61 -14.04 2.08
N6A NAP F . 16.31 -13.58 3.07
N1A NAP F . 15.55 -13.42 0.90
C2A NAP F . 14.81 -13.97 -0.05
N3A NAP F . 14.13 -15.10 0.17
C4A NAP F . 14.22 -15.70 1.26
O3 NAP F . 10.37 -19.79 5.17
PN NAP F . 8.93 -20.01 4.67
O1N NAP F . 8.78 -20.30 3.14
O2N NAP F . 8.11 -18.83 4.93
O5D NAP F . 8.79 -21.40 5.42
C5D NAP F . 8.44 -22.71 5.00
C4D NAP F . 7.07 -22.77 4.38
O4D NAP F . 6.65 -21.94 5.31
C3D NAP F . 6.39 -21.95 3.17
O3D NAP F . 6.71 -22.34 1.65
C2D NAP F . 4.98 -21.69 3.81
O2D NAP F . 3.74 -22.26 3.43
C1D NAP F . 5.23 -22.29 5.20
N1N NAP F . 3.99 -21.76 5.72
C2N NAP F . 3.38 -20.65 5.11
C3N NAP F . 2.19 -20.16 5.54
C7N NAP F . 1.54 -18.93 4.91
O7N NAP F . 0.68 -19.05 4.08
N7N NAP F . 2.03 -17.76 5.30
C4N NAP F . 1.54 -20.81 6.57
C5N NAP F . 2.13 -21.90 7.13
C6N NAP F . 3.30 -22.45 6.69
P2B NAP F . 15.50 -20.53 0.31
O1X NAP F . 16.91 -19.79 0.14
O2X NAP F . 15.28 -21.11 1.79
O3X NAP F . 15.19 -21.61 -0.74
C1 GOL G . -6.25 -21.22 -2.69
O1 GOL G . -6.71 -21.60 -1.34
C2 GOL G . -6.95 -22.11 -3.66
O2 GOL G . -8.35 -21.76 -3.76
C3 GOL G . -6.48 -21.82 -5.11
O3 GOL G . -7.27 -22.43 -6.10
C1 GOL H . 4.30 -4.30 3.82
O1 GOL H . 5.63 -4.44 4.39
C2 GOL H . 3.71 -5.74 3.87
O2 GOL H . 3.65 -6.18 5.22
C3 GOL H . 2.28 -5.73 3.23
O3 GOL H . 1.73 -7.01 3.15
#